data_2GWF
#
_entry.id   2GWF
#
_cell.length_a   76.111
_cell.length_b   67.094
_cell.length_c   99.275
_cell.angle_alpha   90.00
_cell.angle_beta   91.12
_cell.angle_gamma   90.00
#
_symmetry.space_group_name_H-M   'P 1 21 1'
#
loop_
_entity.id
_entity.type
_entity.pdbx_description
1 polymer 'Ubiquitin carboxyl-terminal hydrolase 8'
2 polymer 'RING finger protein 41'
3 water water
#
loop_
_entity_poly.entity_id
_entity_poly.type
_entity_poly.pdbx_seq_one_letter_code
_entity_poly.pdbx_strand_id
1 'polypeptide(L)'
;MGSSHHHHHHSSGLVPRGSGAITAKELYTMMTDKNISLIIMDARRMQDYQDSCILHSLSVPEEAISPGVTASWIEAHLPD
DSKDTWKKRGNVEYVVLLDWFSSAKDLQIGTTLRSLKDALFKWESKTVLRNEPLVLEGGYENWLLCYPQYTTNAKVT
;
A,C,E
2 'polypeptide(L)'
;SSGLVPRGSTIEYNEILEWVNSLQPARVTRWGGMISTPDAVLQAVIKRSLVESGCPASIVNELIENAHERSWPQGLATLE
TRQMNRRYYENYVAKRIPGKQAVVVMACENQHMGDDMVQEPGLVMIFAHGVEEI
;
B,D,F
#
# COMPACT_ATOMS: atom_id res chain seq x y z
N SER A 19 -1.72 -6.77 30.46
CA SER A 19 -0.71 -7.20 29.44
C SER A 19 -1.36 -7.51 28.07
N GLY A 20 -0.75 -8.42 27.32
CA GLY A 20 -1.22 -8.80 25.99
C GLY A 20 -1.17 -7.70 24.94
N ALA A 21 -0.27 -6.73 25.13
CA ALA A 21 -0.22 -5.55 24.29
C ALA A 21 1.20 -5.12 23.97
N ILE A 22 1.35 -4.37 22.88
CA ILE A 22 2.61 -3.77 22.44
C ILE A 22 2.26 -2.50 21.69
N THR A 23 3.03 -1.44 21.91
CA THR A 23 2.83 -0.18 21.19
C THR A 23 3.64 -0.25 19.89
N ALA A 24 3.34 0.68 18.97
CA ALA A 24 4.07 0.76 17.71
C ALA A 24 5.56 1.04 17.96
N LYS A 25 5.84 1.94 18.90
CA LYS A 25 7.20 2.27 19.33
C LYS A 25 7.96 1.04 19.81
N GLU A 26 7.32 0.26 20.69
CA GLU A 26 7.88 -0.98 21.23
C GLU A 26 8.07 -2.05 20.15
N LEU A 27 7.17 -2.08 19.17
CA LEU A 27 7.30 -3.02 18.05
C LEU A 27 8.41 -2.60 17.08
N TYR A 28 8.49 -1.31 16.79
CA TYR A 28 9.57 -0.75 15.96
C TYR A 28 10.94 -1.06 16.55
N THR A 29 11.07 -0.88 17.86
CA THR A 29 12.32 -1.13 18.59
C THR A 29 12.70 -2.60 18.52
N MET A 30 11.72 -3.48 18.71
CA MET A 30 11.87 -4.92 18.51
C MET A 30 12.34 -5.28 17.11
N MET A 31 11.71 -4.70 16.10
CA MET A 31 12.04 -4.98 14.70
C MET A 31 13.42 -4.48 14.29
N THR A 32 13.84 -3.35 14.85
CA THR A 32 15.12 -2.76 14.51
C THR A 32 16.27 -3.40 15.29
N ASP A 33 15.98 -3.84 16.51
CA ASP A 33 16.91 -4.68 17.28
C ASP A 33 16.55 -6.13 17.01
N LYS A 34 17.20 -6.71 16.00
CA LYS A 34 16.97 -8.10 15.60
C LYS A 34 17.51 -9.08 16.66
N ASN A 35 17.27 -8.75 17.92
CA ASN A 35 17.76 -9.52 19.06
C ASN A 35 16.73 -10.53 19.57
N ILE A 36 15.46 -10.22 19.31
CA ILE A 36 14.34 -11.05 19.76
C ILE A 36 13.55 -11.52 18.53
N SER A 37 13.22 -12.80 18.52
CA SER A 37 12.42 -13.41 17.45
C SER A 37 10.94 -13.04 17.57
N LEU A 38 10.32 -12.87 16.42
CA LEU A 38 9.01 -12.28 16.34
C LEU A 38 8.31 -12.75 15.07
N ILE A 39 7.00 -12.98 15.17
CA ILE A 39 6.15 -13.10 14.01
C ILE A 39 5.05 -12.07 14.19
N ILE A 40 4.82 -11.28 13.14
CA ILE A 40 3.73 -10.32 13.10
C ILE A 40 2.62 -10.93 12.26
N MET A 41 1.44 -11.07 12.86
CA MET A 41 0.27 -11.61 12.17
C MET A 41 -0.75 -10.53 11.87
N ASP A 42 -1.04 -10.35 10.59
CA ASP A 42 -1.96 -9.32 10.11
C ASP A 42 -3.30 -9.98 9.81
N ALA A 43 -4.30 -9.65 10.62
CA ALA A 43 -5.63 -10.24 10.46
C ALA A 43 -6.62 -9.38 9.68
N ARG A 44 -6.11 -8.50 8.82
CA ARG A 44 -6.95 -7.70 7.94
C ARG A 44 -7.31 -8.53 6.73
N ARG A 45 -8.25 -8.04 5.92
CA ARG A 45 -8.66 -8.71 4.69
C ARG A 45 -7.49 -8.88 3.72
N MET A 46 -7.58 -9.94 2.93
CA MET A 46 -6.61 -10.33 1.92
C MET A 46 -6.10 -9.14 1.10
N GLN A 47 -7.03 -8.37 0.50
CA GLN A 47 -6.68 -7.23 -0.35
C GLN A 47 -6.02 -6.08 0.41
N ASP A 48 -6.46 -5.86 1.64
CA ASP A 48 -5.88 -4.83 2.50
C ASP A 48 -4.39 -5.13 2.76
N TYR A 49 -4.10 -6.39 3.10
CA TYR A 49 -2.73 -6.88 3.26
C TYR A 49 -1.88 -6.67 2.00
N GLN A 50 -2.46 -6.99 0.85
CA GLN A 50 -1.77 -6.91 -0.44
C GLN A 50 -1.47 -5.47 -0.84
N ASP A 51 -2.39 -4.56 -0.50
CA ASP A 51 -2.20 -3.13 -0.74
C ASP A 51 -1.00 -2.60 0.04
N SER A 52 -0.91 -3.00 1.31
CA SER A 52 0.06 -2.44 2.23
C SER A 52 0.09 -3.27 3.52
N CYS A 53 1.29 -3.72 3.90
CA CYS A 53 1.47 -4.45 5.16
C CYS A 53 2.84 -4.19 5.76
N ILE A 54 2.98 -4.50 7.04
CA ILE A 54 4.26 -4.42 7.75
C ILE A 54 5.24 -5.42 7.15
N LEU A 55 6.47 -4.96 6.90
CA LEU A 55 7.53 -5.81 6.37
C LEU A 55 7.65 -7.12 7.12
N HIS A 56 7.67 -8.22 6.35
CA HIS A 56 7.85 -9.59 6.86
C HIS A 56 6.70 -10.14 7.72
N SER A 57 5.57 -9.44 7.73
CA SER A 57 4.43 -9.90 8.50
C SER A 57 3.70 -11.03 7.78
N LEU A 58 3.01 -11.84 8.57
CA LEU A 58 2.23 -12.96 8.06
C LEU A 58 0.77 -12.54 7.90
N SER A 59 0.21 -12.83 6.72
CA SER A 59 -1.20 -12.65 6.47
C SER A 59 -1.96 -13.85 7.02
N VAL A 60 -2.74 -13.60 8.06
CA VAL A 60 -3.77 -14.55 8.50
C VAL A 60 -5.09 -13.82 8.27
N PRO A 61 -5.62 -13.91 7.04
CA PRO A 61 -6.68 -12.98 6.64
C PRO A 61 -7.99 -13.17 7.40
N GLU A 62 -8.69 -12.05 7.55
CA GLU A 62 -10.03 -12.00 8.13
C GLU A 62 -10.92 -13.13 7.61
N GLU A 63 -10.80 -13.42 6.32
CA GLU A 63 -11.56 -14.45 5.62
C GLU A 63 -11.27 -15.88 6.11
N ALA A 64 -10.07 -16.12 6.64
CA ALA A 64 -9.66 -17.43 7.14
C ALA A 64 -9.90 -17.58 8.66
N ILE A 65 -10.60 -16.61 9.24
CA ILE A 65 -10.82 -16.56 10.68
C ILE A 65 -12.31 -16.38 10.98
N SER A 66 -12.82 -17.20 11.88
CA SER A 66 -14.15 -17.01 12.45
C SER A 66 -14.12 -17.44 13.92
N PRO A 67 -15.10 -17.01 14.74
CA PRO A 67 -15.12 -17.47 16.13
C PRO A 67 -15.12 -18.99 16.26
N GLY A 68 -14.36 -19.49 17.22
CA GLY A 68 -14.38 -20.90 17.59
C GLY A 68 -13.49 -21.82 16.78
N VAL A 69 -12.76 -21.26 15.81
CA VAL A 69 -11.88 -22.07 14.98
C VAL A 69 -10.56 -22.33 15.68
N THR A 70 -9.99 -23.50 15.37
CA THR A 70 -8.73 -23.96 15.92
C THR A 70 -7.56 -23.48 15.08
N ALA A 71 -6.37 -23.49 15.66
CA ALA A 71 -5.14 -23.16 14.94
C ALA A 71 -5.01 -23.95 13.64
N SER A 72 -5.36 -25.23 13.66
CA SER A 72 -5.14 -26.10 12.50
C SER A 72 -6.21 -25.90 11.43
N TRP A 73 -7.39 -25.45 11.84
CA TRP A 73 -8.43 -25.01 10.92
C TRP A 73 -7.98 -23.77 10.14
N ILE A 74 -7.36 -22.83 10.86
CA ILE A 74 -6.72 -21.66 10.23
C ILE A 74 -5.61 -22.09 9.27
N GLU A 75 -4.76 -23.00 9.74
CA GLU A 75 -3.63 -23.50 8.96
C GLU A 75 -4.08 -24.11 7.63
N ALA A 76 -5.13 -24.93 7.67
CA ALA A 76 -5.68 -25.58 6.48
C ALA A 76 -6.15 -24.59 5.40
N HIS A 77 -6.40 -23.35 5.80
CA HIS A 77 -6.89 -22.34 4.86
C HIS A 77 -5.77 -21.49 4.28
N LEU A 78 -4.53 -21.78 4.68
CA LEU A 78 -3.40 -20.96 4.29
C LEU A 78 -2.67 -21.51 3.07
N PRO A 79 -2.19 -20.60 2.20
CA PRO A 79 -1.27 -21.01 1.14
C PRO A 79 0.04 -21.57 1.72
N ASP A 80 0.70 -22.43 0.93
CA ASP A 80 1.94 -23.11 1.33
C ASP A 80 2.94 -22.22 2.06
N ASP A 81 3.30 -21.07 1.48
CA ASP A 81 4.32 -20.20 2.07
C ASP A 81 3.92 -19.67 3.46
N SER A 82 2.64 -19.38 3.63
CA SER A 82 2.08 -18.93 4.91
C SER A 82 2.01 -20.02 5.98
N LYS A 83 1.72 -21.25 5.58
CA LYS A 83 1.76 -22.42 6.48
C LYS A 83 3.14 -22.64 7.10
N ASP A 84 4.20 -22.45 6.32
CA ASP A 84 5.57 -22.61 6.80
C ASP A 84 5.80 -21.74 8.03
N THR A 85 5.40 -20.47 7.96
CA THR A 85 5.52 -19.52 9.07
C THR A 85 4.57 -19.88 10.22
N TRP A 86 3.36 -20.29 9.87
CA TRP A 86 2.36 -20.68 10.86
C TRP A 86 2.80 -21.87 11.71
N LYS A 87 3.43 -22.87 11.08
CA LYS A 87 3.92 -24.05 11.79
C LYS A 87 5.11 -23.74 12.69
N LYS A 88 5.82 -22.65 12.37
CA LYS A 88 7.00 -22.25 13.13
C LYS A 88 6.67 -21.26 14.25
N ARG A 89 5.39 -21.06 14.54
CA ARG A 89 4.95 -20.04 15.50
C ARG A 89 5.46 -20.27 16.94
N GLY A 90 5.74 -21.53 17.29
CA GLY A 90 6.26 -21.87 18.60
C GLY A 90 7.76 -21.67 18.75
N ASN A 91 8.45 -21.39 17.64
CA ASN A 91 9.89 -21.15 17.64
C ASN A 91 10.26 -19.75 18.13
N VAL A 92 9.38 -18.79 17.88
CA VAL A 92 9.65 -17.38 18.16
C VAL A 92 9.26 -16.96 19.58
N GLU A 93 9.90 -15.91 20.10
CA GLU A 93 9.58 -15.38 21.41
C GLU A 93 8.21 -14.70 21.46
N TYR A 94 7.90 -13.86 20.47
CA TYR A 94 6.65 -13.13 20.46
C TYR A 94 5.85 -13.28 19.18
N VAL A 95 4.54 -13.39 19.34
CA VAL A 95 3.60 -13.32 18.23
C VAL A 95 2.81 -12.03 18.42
N VAL A 96 2.89 -11.15 17.43
CA VAL A 96 2.19 -9.87 17.48
C VAL A 96 1.00 -9.92 16.54
N LEU A 97 -0.16 -9.51 17.06
CA LEU A 97 -1.41 -9.49 16.30
C LEU A 97 -1.82 -8.06 15.99
N LEU A 98 -2.31 -7.86 14.77
CA LEU A 98 -2.86 -6.57 14.38
C LEU A 98 -4.03 -6.70 13.43
N ASP A 99 -4.86 -5.66 13.45
CA ASP A 99 -5.85 -5.44 12.41
C ASP A 99 -5.78 -3.94 12.10
N TRP A 100 -6.85 -3.38 11.53
CA TRP A 100 -6.85 -1.97 11.15
C TRP A 100 -6.71 -1.00 12.34
N PHE A 101 -7.55 -1.17 13.36
CA PHE A 101 -7.78 -0.14 14.39
C PHE A 101 -7.72 -0.61 15.84
N SER A 102 -7.74 -1.92 16.05
CA SER A 102 -7.95 -2.47 17.39
C SER A 102 -6.73 -2.35 18.30
N SER A 103 -7.02 -2.35 19.60
CA SER A 103 -6.03 -2.50 20.65
C SER A 103 -6.50 -3.65 21.52
N ALA A 104 -5.67 -4.05 22.49
CA ALA A 104 -5.95 -5.16 23.40
C ALA A 104 -7.27 -5.05 24.18
N LYS A 105 -7.78 -3.83 24.32
CA LYS A 105 -9.07 -3.58 24.96
C LYS A 105 -10.26 -4.06 24.12
N ASP A 106 -10.02 -4.27 22.83
CA ASP A 106 -11.10 -4.48 21.85
C ASP A 106 -11.29 -5.93 21.43
N LEU A 107 -10.77 -6.87 22.22
CA LEU A 107 -10.82 -8.28 21.87
C LEU A 107 -12.03 -9.00 22.47
N GLN A 108 -13.20 -8.53 22.08
CA GLN A 108 -14.48 -9.09 22.52
C GLN A 108 -14.78 -10.35 21.71
N ILE A 109 -15.63 -11.23 22.27
CA ILE A 109 -16.14 -12.41 21.57
C ILE A 109 -16.70 -12.03 20.19
N GLY A 110 -16.30 -12.76 19.17
CA GLY A 110 -16.78 -12.53 17.80
C GLY A 110 -15.80 -11.74 16.95
N THR A 111 -14.96 -10.96 17.62
CA THR A 111 -13.93 -10.14 16.99
C THR A 111 -12.85 -11.03 16.37
N THR A 112 -12.35 -10.61 15.21
CA THR A 112 -11.34 -11.34 14.45
C THR A 112 -10.06 -11.59 15.28
N LEU A 113 -9.56 -10.56 15.94
CA LEU A 113 -8.37 -10.70 16.77
C LEU A 113 -8.60 -11.58 17.99
N ARG A 114 -9.81 -11.55 18.54
CA ARG A 114 -10.16 -12.42 19.66
C ARG A 114 -10.20 -13.88 19.19
N SER A 115 -10.74 -14.10 18.00
CA SER A 115 -10.81 -15.44 17.42
C SER A 115 -9.42 -16.01 17.12
N LEU A 116 -8.55 -15.17 16.55
CA LEU A 116 -7.18 -15.52 16.22
C LEU A 116 -6.37 -15.86 17.46
N LYS A 117 -6.41 -14.95 18.45
CA LYS A 117 -5.74 -15.15 19.73
C LYS A 117 -6.15 -16.43 20.45
N ASP A 118 -7.45 -16.71 20.49
CA ASP A 118 -7.96 -17.93 21.11
C ASP A 118 -7.52 -19.19 20.38
N ALA A 119 -7.49 -19.14 19.05
CA ALA A 119 -6.93 -20.24 18.26
C ALA A 119 -5.45 -20.45 18.59
N LEU A 120 -4.70 -19.36 18.76
CA LEU A 120 -3.28 -19.44 19.05
C LEU A 120 -2.94 -19.84 20.50
N PHE A 121 -3.77 -19.40 21.44
CA PHE A 121 -3.39 -19.40 22.86
C PHE A 121 -4.39 -20.04 23.82
N LYS A 122 -5.61 -20.30 23.36
CA LYS A 122 -6.66 -20.86 24.21
C LYS A 122 -7.14 -22.26 23.82
N TRP A 123 -7.50 -22.47 22.55
CA TRP A 123 -8.09 -23.74 22.13
C TRP A 123 -7.05 -24.85 21.97
N GLU A 124 -7.48 -26.01 21.46
CA GLU A 124 -6.56 -27.14 21.23
C GLU A 124 -5.60 -26.86 20.08
N SER A 125 -4.31 -27.01 20.36
CA SER A 125 -3.27 -26.88 19.34
C SER A 125 -2.04 -27.72 19.67
N LYS A 126 -1.43 -28.29 18.62
CA LYS A 126 -0.20 -29.05 18.72
C LYS A 126 0.97 -28.20 19.18
N THR A 127 0.95 -26.92 18.78
CA THR A 127 2.01 -25.98 19.09
C THR A 127 1.57 -25.03 20.20
N VAL A 128 2.37 -24.98 21.27
CA VAL A 128 2.20 -24.01 22.34
C VAL A 128 3.14 -22.82 22.07
N LEU A 129 2.58 -21.61 22.15
CA LEU A 129 3.40 -20.41 22.04
C LEU A 129 4.23 -20.24 23.30
N ARG A 130 5.40 -19.64 23.13
CA ARG A 130 6.30 -19.34 24.25
C ARG A 130 5.70 -18.27 25.16
N ASN A 131 5.00 -17.31 24.55
CA ASN A 131 4.38 -16.19 25.25
C ASN A 131 2.98 -15.90 24.73
N GLU A 132 2.17 -15.27 25.58
CA GLU A 132 0.88 -14.72 25.16
C GLU A 132 1.06 -13.78 23.95
N PRO A 133 0.22 -13.94 22.91
CA PRO A 133 0.25 -13.00 21.78
C PRO A 133 -0.03 -11.56 22.23
N LEU A 134 0.61 -10.60 21.57
CA LEU A 134 0.45 -9.19 21.90
C LEU A 134 -0.33 -8.49 20.81
N VAL A 135 -1.26 -7.62 21.21
CA VAL A 135 -2.00 -6.84 20.23
C VAL A 135 -1.28 -5.51 20.00
N LEU A 136 -1.04 -5.18 18.74
CA LEU A 136 -0.51 -3.86 18.38
C LEU A 136 -1.56 -2.79 18.65
N GLU A 137 -1.26 -1.92 19.63
CA GLU A 137 -2.14 -0.80 20.00
C GLU A 137 -2.24 0.20 18.85
N GLY A 138 -3.48 0.46 18.44
CA GLY A 138 -3.76 1.35 17.32
C GLY A 138 -3.83 0.66 15.97
N GLY A 139 -3.35 -0.59 15.91
CA GLY A 139 -3.35 -1.37 14.67
C GLY A 139 -2.53 -0.79 13.54
N TYR A 140 -2.87 -1.20 12.32
CA TYR A 140 -2.14 -0.80 11.12
C TYR A 140 -2.34 0.67 10.74
N GLU A 141 -3.50 1.22 11.07
CA GLU A 141 -3.76 2.64 10.88
C GLU A 141 -2.69 3.49 11.58
N ASN A 142 -2.44 3.20 12.85
CA ASN A 142 -1.41 3.90 13.62
C ASN A 142 0.01 3.60 13.13
N TRP A 143 0.28 2.36 12.73
CA TRP A 143 1.61 1.99 12.22
C TRP A 143 1.97 2.71 10.93
N LEU A 144 1.02 2.77 10.01
CA LEU A 144 1.21 3.42 8.71
C LEU A 144 1.68 4.86 8.85
N LEU A 145 1.07 5.59 9.79
CA LEU A 145 1.39 6.99 10.04
C LEU A 145 2.66 7.21 10.86
N CYS A 146 2.97 6.27 11.76
CA CYS A 146 4.14 6.37 12.61
C CYS A 146 5.42 5.91 11.90
N TYR A 147 5.35 4.75 11.24
CA TYR A 147 6.53 4.12 10.64
C TYR A 147 6.24 3.58 9.23
N PRO A 148 5.96 4.48 8.27
CA PRO A 148 5.67 4.04 6.89
C PRO A 148 6.86 3.40 6.15
N GLN A 149 8.10 3.63 6.62
CA GLN A 149 9.27 3.01 5.99
C GLN A 149 9.43 1.52 6.32
N TYR A 150 8.65 1.04 7.29
CA TYR A 150 8.61 -0.39 7.62
C TYR A 150 7.33 -1.02 7.10
N THR A 151 6.99 -0.64 5.86
CA THR A 151 5.72 -0.96 5.23
C THR A 151 6.03 -1.29 3.76
N THR A 152 5.21 -2.12 3.13
CA THR A 152 5.53 -2.65 1.81
C THR A 152 5.52 -1.66 0.64
N ASN A 153 4.67 -0.64 0.69
CA ASN A 153 4.66 0.39 -0.37
C ASN A 153 5.35 1.70 0.02
N ALA A 154 6.16 2.24 -0.89
CA ALA A 154 6.88 3.48 -0.68
C ALA A 154 6.38 4.59 -1.59
N ASN B 14 -10.20 -39.86 -27.89
CA ASN B 14 -11.40 -40.11 -27.06
C ASN B 14 -11.96 -38.85 -26.38
N GLU B 15 -12.98 -39.04 -25.55
CA GLU B 15 -13.64 -37.96 -24.81
C GLU B 15 -12.72 -37.20 -23.86
N ILE B 16 -11.72 -37.89 -23.30
CA ILE B 16 -10.77 -37.29 -22.37
C ILE B 16 -9.80 -36.34 -23.08
N LEU B 17 -9.13 -36.83 -24.12
CA LEU B 17 -8.18 -36.01 -24.90
C LEU B 17 -8.82 -34.75 -25.48
N GLU B 18 -10.05 -34.89 -25.97
CA GLU B 18 -10.81 -33.78 -26.53
C GLU B 18 -11.07 -32.70 -25.49
N TRP B 19 -11.49 -33.12 -24.30
CA TRP B 19 -11.69 -32.19 -23.19
C TRP B 19 -10.39 -31.49 -22.80
N VAL B 20 -9.31 -32.25 -22.69
CA VAL B 20 -7.98 -31.72 -22.36
C VAL B 20 -7.52 -30.67 -23.38
N ASN B 21 -7.71 -30.96 -24.66
CA ASN B 21 -7.36 -30.06 -25.76
C ASN B 21 -8.27 -28.82 -25.87
N SER B 22 -9.46 -28.90 -25.29
CA SER B 22 -10.38 -27.75 -25.22
C SER B 22 -9.91 -26.71 -24.20
N LEU B 23 -9.09 -27.14 -23.26
CA LEU B 23 -8.60 -26.27 -22.17
C LEU B 23 -7.37 -25.47 -22.59
N GLN B 24 -7.22 -24.31 -21.96
CA GLN B 24 -6.11 -23.39 -22.25
C GLN B 24 -4.89 -23.71 -21.40
N PRO B 25 -3.68 -23.68 -22.01
CA PRO B 25 -2.44 -23.88 -21.27
C PRO B 25 -2.27 -22.86 -20.15
N ALA B 26 -1.83 -23.32 -18.98
CA ALA B 26 -1.73 -22.47 -17.80
C ALA B 26 -0.30 -22.27 -17.32
N ARG B 27 -0.05 -21.08 -16.78
CA ARG B 27 1.22 -20.75 -16.14
C ARG B 27 0.99 -20.41 -14.67
N VAL B 28 1.67 -21.14 -13.80
CA VAL B 28 1.64 -20.91 -12.37
C VAL B 28 2.82 -19.99 -12.02
N THR B 29 2.51 -18.79 -11.50
CA THR B 29 3.56 -17.81 -11.19
C THR B 29 3.84 -17.69 -9.70
N ARG B 30 2.99 -18.29 -8.86
CA ARG B 30 3.17 -18.28 -7.41
C ARG B 30 2.95 -19.68 -6.86
N TRP B 31 3.97 -20.52 -6.97
CA TRP B 31 3.92 -21.87 -6.41
C TRP B 31 3.69 -21.86 -4.91
N GLY B 32 4.21 -20.83 -4.23
CA GLY B 32 4.02 -20.63 -2.79
C GLY B 32 2.60 -20.31 -2.39
N GLY B 33 1.77 -19.96 -3.38
CA GLY B 33 0.33 -19.73 -3.15
C GLY B 33 -0.55 -20.97 -3.23
N MET B 34 0.04 -22.15 -3.36
CA MET B 34 -0.72 -23.40 -3.47
C MET B 34 -1.57 -23.63 -2.23
N ILE B 35 -2.82 -24.04 -2.47
CA ILE B 35 -3.75 -24.45 -1.43
C ILE B 35 -3.81 -25.98 -1.44
N SER B 36 -3.10 -26.61 -0.51
CA SER B 36 -2.95 -28.06 -0.51
C SER B 36 -4.04 -28.79 0.28
N THR B 37 -4.74 -28.04 1.13
CA THR B 37 -5.80 -28.62 1.94
C THR B 37 -7.09 -27.82 1.74
N PRO B 38 -7.64 -27.83 0.51
CA PRO B 38 -8.84 -27.03 0.28
C PRO B 38 -10.00 -27.65 1.05
N ASP B 39 -10.88 -26.82 1.60
CA ASP B 39 -12.09 -27.34 2.25
C ASP B 39 -13.11 -27.83 1.21
N ALA B 40 -14.13 -28.54 1.69
CA ALA B 40 -15.18 -29.12 0.85
C ALA B 40 -15.90 -28.10 -0.03
N VAL B 41 -16.20 -26.94 0.54
CA VAL B 41 -16.88 -25.85 -0.19
C VAL B 41 -16.06 -25.46 -1.43
N LEU B 42 -14.75 -25.28 -1.23
CA LEU B 42 -13.83 -24.97 -2.32
C LEU B 42 -13.77 -26.11 -3.34
N GLN B 43 -13.69 -27.34 -2.87
CA GLN B 43 -13.66 -28.52 -3.75
C GLN B 43 -14.92 -28.66 -4.59
N ALA B 44 -16.09 -28.38 -4.00
CA ALA B 44 -17.36 -28.39 -4.73
C ALA B 44 -17.40 -27.31 -5.83
N VAL B 45 -16.91 -26.11 -5.51
CA VAL B 45 -16.82 -25.00 -6.48
C VAL B 45 -15.89 -25.37 -7.64
N ILE B 46 -14.73 -25.91 -7.33
CA ILE B 46 -13.78 -26.37 -8.35
C ILE B 46 -14.38 -27.48 -9.21
N LYS B 47 -15.03 -28.45 -8.57
CA LYS B 47 -15.67 -29.58 -9.27
C LYS B 47 -16.71 -29.07 -10.26
N ARG B 48 -17.49 -28.09 -9.81
CA ARG B 48 -18.54 -27.46 -10.62
C ARG B 48 -17.93 -26.92 -11.92
N SER B 49 -16.83 -26.18 -11.80
CA SER B 49 -16.13 -25.62 -12.96
C SER B 49 -15.59 -26.69 -13.91
N LEU B 50 -15.07 -27.78 -13.34
CA LEU B 50 -14.64 -28.92 -14.15
C LEU B 50 -15.80 -29.52 -14.95
N VAL B 51 -16.91 -29.79 -14.26
CA VAL B 51 -18.13 -30.32 -14.88
C VAL B 51 -18.66 -29.39 -15.97
N GLU B 52 -18.67 -28.09 -15.69
CA GLU B 52 -19.18 -27.08 -16.62
C GLU B 52 -18.28 -26.90 -17.83
N SER B 53 -16.98 -27.22 -17.67
CA SER B 53 -16.04 -27.24 -18.78
C SER B 53 -16.21 -28.49 -19.64
N GLY B 54 -17.03 -29.42 -19.15
CA GLY B 54 -17.34 -30.65 -19.89
C GLY B 54 -16.38 -31.78 -19.58
N CYS B 55 -15.85 -31.81 -18.35
CA CYS B 55 -15.00 -32.89 -17.88
C CYS B 55 -15.79 -34.19 -17.89
N PRO B 56 -15.28 -35.23 -18.59
CA PRO B 56 -15.98 -36.52 -18.68
C PRO B 56 -16.25 -37.11 -17.30
N ALA B 57 -17.40 -37.75 -17.16
CA ALA B 57 -17.85 -38.32 -15.90
C ALA B 57 -16.87 -39.39 -15.39
N SER B 58 -16.17 -40.04 -16.32
CA SER B 58 -15.20 -41.10 -16.01
C SER B 58 -14.00 -40.63 -15.19
N ILE B 59 -13.63 -39.35 -15.31
CA ILE B 59 -12.44 -38.84 -14.61
C ILE B 59 -12.69 -37.70 -13.61
N VAL B 60 -13.84 -37.03 -13.70
CA VAL B 60 -14.09 -35.80 -12.92
C VAL B 60 -13.96 -36.01 -11.40
N ASN B 61 -14.47 -37.14 -10.92
CA ASN B 61 -14.48 -37.44 -9.50
C ASN B 61 -13.08 -37.75 -8.97
N GLU B 62 -12.27 -38.38 -9.82
CA GLU B 62 -10.90 -38.74 -9.47
C GLU B 62 -9.99 -37.52 -9.45
N LEU B 63 -10.18 -36.60 -10.40
CA LEU B 63 -9.42 -35.36 -10.46
C LEU B 63 -9.66 -34.50 -9.22
N ILE B 64 -10.91 -34.43 -8.79
CA ILE B 64 -11.31 -33.66 -7.62
C ILE B 64 -10.83 -34.30 -6.31
N GLU B 65 -10.84 -35.63 -6.26
CA GLU B 65 -10.17 -36.40 -5.20
C GLU B 65 -8.70 -36.00 -5.09
N ASN B 66 -8.06 -35.86 -6.25
CA ASN B 66 -6.64 -35.46 -6.36
C ASN B 66 -6.40 -33.96 -6.39
N ALA B 67 -7.29 -33.20 -5.75
CA ALA B 67 -7.14 -31.76 -5.58
C ALA B 67 -6.67 -31.44 -4.16
N HIS B 68 -6.42 -32.50 -3.38
CA HIS B 68 -6.02 -32.39 -1.98
C HIS B 68 -4.79 -33.26 -1.77
N GLU B 69 -3.86 -32.77 -0.94
CA GLU B 69 -2.58 -33.42 -0.68
C GLU B 69 -2.65 -34.87 -0.17
N ARG B 70 -3.77 -35.21 0.47
CA ARG B 70 -4.05 -36.57 0.93
C ARG B 70 -4.15 -37.58 -0.21
N SER B 71 -4.30 -37.10 -1.45
CA SER B 71 -4.35 -37.95 -2.63
C SER B 71 -3.29 -37.63 -3.69
N TRP B 72 -2.40 -36.69 -3.38
CA TRP B 72 -1.31 -36.34 -4.28
C TRP B 72 -0.16 -37.34 -4.21
N PRO B 73 0.57 -37.52 -5.33
CA PRO B 73 1.73 -38.43 -5.35
C PRO B 73 2.85 -37.96 -4.41
N GLN B 74 3.84 -38.82 -4.18
CA GLN B 74 4.93 -38.56 -3.23
C GLN B 74 5.68 -37.24 -3.45
N GLY B 75 5.91 -36.89 -4.72
CA GLY B 75 6.63 -35.68 -5.08
C GLY B 75 5.90 -34.38 -4.79
N LEU B 76 4.67 -34.48 -4.28
CA LEU B 76 3.79 -33.35 -3.96
C LEU B 76 3.10 -33.45 -2.61
N ALA B 77 3.32 -34.56 -1.89
CA ALA B 77 2.43 -34.97 -0.80
C ALA B 77 2.49 -34.12 0.47
N THR B 78 3.68 -33.64 0.81
CA THR B 78 3.85 -32.83 2.02
C THR B 78 4.32 -31.42 1.67
N LEU B 79 4.08 -30.49 2.60
CA LEU B 79 4.60 -29.14 2.51
C LEU B 79 6.12 -29.13 2.31
N GLU B 80 6.84 -29.91 3.12
CA GLU B 80 8.30 -29.98 3.04
C GLU B 80 8.75 -30.41 1.65
N THR B 81 8.17 -31.50 1.14
CA THR B 81 8.43 -31.98 -0.22
C THR B 81 8.14 -30.92 -1.28
N ARG B 82 7.05 -30.19 -1.14
CA ARG B 82 6.65 -29.17 -2.10
C ARG B 82 7.62 -27.98 -2.13
N GLN B 83 8.08 -27.55 -0.95
CA GLN B 83 9.12 -26.53 -0.83
C GLN B 83 10.43 -26.96 -1.49
N MET B 84 10.79 -28.22 -1.34
CA MET B 84 12.03 -28.78 -1.91
C MET B 84 11.95 -28.93 -3.43
N ASN B 85 10.79 -29.40 -3.89
CA ASN B 85 10.59 -29.76 -5.30
C ASN B 85 10.12 -28.62 -6.20
N ARG B 86 9.86 -27.45 -5.60
CA ARG B 86 9.28 -26.31 -6.31
C ARG B 86 9.87 -26.07 -7.71
N ARG B 87 11.19 -26.07 -7.82
CA ARG B 87 11.86 -25.81 -9.09
C ARG B 87 11.53 -26.83 -10.19
N TYR B 88 11.20 -28.06 -9.79
CA TYR B 88 10.81 -29.09 -10.75
C TYR B 88 9.38 -28.92 -11.27
N TYR B 89 8.55 -28.19 -10.53
CA TYR B 89 7.13 -28.03 -10.87
C TYR B 89 6.90 -27.19 -12.14
N GLU B 90 7.87 -26.33 -12.48
CA GLU B 90 7.88 -25.57 -13.73
C GLU B 90 7.72 -26.44 -14.99
N ASN B 91 8.12 -27.71 -14.89
CA ASN B 91 8.10 -28.62 -16.03
C ASN B 91 6.76 -29.30 -16.29
N TYR B 92 5.83 -29.20 -15.33
CA TYR B 92 4.47 -29.69 -15.50
C TYR B 92 3.81 -29.06 -16.72
N VAL B 93 3.10 -29.87 -17.51
CA VAL B 93 2.22 -29.36 -18.56
C VAL B 93 0.83 -29.25 -17.92
N ALA B 94 0.39 -28.01 -17.71
CA ALA B 94 -0.80 -27.71 -16.91
C ALA B 94 -1.86 -26.94 -17.70
N LYS B 95 -3.12 -27.29 -17.46
CA LYS B 95 -4.25 -26.63 -18.10
C LYS B 95 -5.07 -25.83 -17.09
N ARG B 96 -5.63 -24.73 -17.55
CA ARG B 96 -6.43 -23.84 -16.73
C ARG B 96 -7.83 -24.40 -16.53
N ILE B 97 -8.26 -24.47 -15.27
CA ILE B 97 -9.65 -24.72 -14.93
C ILE B 97 -10.39 -23.40 -15.11
N PRO B 98 -11.35 -23.36 -16.06
CA PRO B 98 -11.99 -22.13 -16.48
C PRO B 98 -12.53 -21.26 -15.34
N GLY B 99 -12.09 -20.01 -15.29
CA GLY B 99 -12.59 -19.01 -14.34
C GLY B 99 -12.06 -19.12 -12.93
N LYS B 100 -11.03 -19.94 -12.73
CA LYS B 100 -10.53 -20.25 -11.39
C LYS B 100 -9.02 -20.11 -11.28
N GLN B 101 -8.55 -19.94 -10.04
CA GLN B 101 -7.12 -19.94 -9.73
C GLN B 101 -6.67 -21.36 -9.39
N ALA B 102 -6.77 -22.22 -10.40
CA ALA B 102 -6.57 -23.65 -10.27
C ALA B 102 -6.13 -24.23 -11.62
N VAL B 103 -5.38 -25.33 -11.57
CA VAL B 103 -4.95 -26.04 -12.77
C VAL B 103 -5.19 -27.54 -12.66
N VAL B 104 -5.33 -28.18 -13.82
CA VAL B 104 -5.26 -29.63 -13.91
C VAL B 104 -3.93 -30.06 -14.53
N VAL B 105 -3.37 -31.14 -13.99
CA VAL B 105 -2.15 -31.72 -14.51
C VAL B 105 -2.50 -33.16 -14.88
N MET B 106 -2.64 -33.38 -16.18
CA MET B 106 -3.10 -34.64 -16.71
C MET B 106 -1.92 -35.57 -16.98
N ALA B 107 -2.07 -36.83 -16.60
CA ALA B 107 -1.05 -37.85 -16.80
C ALA B 107 -0.64 -38.03 -18.26
N CYS B 108 -1.59 -37.87 -19.18
CA CYS B 108 -1.33 -38.02 -20.62
C CYS B 108 -0.41 -36.95 -21.20
N GLU B 109 -0.40 -35.77 -20.57
CA GLU B 109 0.47 -34.66 -20.96
C GLU B 109 1.80 -34.67 -20.20
N ASN B 110 1.91 -35.50 -19.18
CA ASN B 110 3.01 -35.39 -18.22
C ASN B 110 3.81 -36.67 -17.97
N GLN B 111 4.03 -37.45 -19.03
CA GLN B 111 4.81 -38.69 -18.96
C GLN B 111 6.27 -38.42 -18.62
N HIS B 112 6.76 -37.23 -18.96
CA HIS B 112 8.13 -36.81 -18.68
C HIS B 112 8.36 -36.60 -17.18
N MET B 113 7.28 -36.29 -16.46
CA MET B 113 7.27 -36.27 -15.01
C MET B 113 7.01 -37.72 -14.56
N GLY B 114 7.63 -38.14 -13.46
CA GLY B 114 7.53 -39.52 -12.99
C GLY B 114 6.15 -39.88 -12.45
N ASP B 115 5.98 -41.14 -12.09
CA ASP B 115 4.76 -41.61 -11.44
C ASP B 115 4.61 -41.07 -9.99
N ASP B 116 5.70 -40.55 -9.44
CA ASP B 116 5.66 -39.89 -8.14
C ASP B 116 5.42 -38.38 -8.26
N MET B 117 5.21 -37.91 -9.48
CA MET B 117 4.86 -36.51 -9.75
C MET B 117 3.43 -36.36 -10.28
N VAL B 118 2.94 -37.40 -10.96
CA VAL B 118 1.58 -37.45 -11.48
C VAL B 118 1.12 -38.92 -11.60
N GLN B 119 -0.11 -39.18 -11.18
CA GLN B 119 -0.75 -40.48 -11.39
C GLN B 119 -1.97 -40.33 -12.28
N GLU B 120 -2.36 -41.40 -12.96
CA GLU B 120 -3.58 -41.43 -13.76
C GLU B 120 -4.83 -41.22 -12.89
N PRO B 121 -5.81 -40.44 -13.36
CA PRO B 121 -5.87 -39.71 -14.65
C PRO B 121 -5.19 -38.34 -14.63
N GLY B 122 -4.83 -37.87 -13.44
CA GLY B 122 -4.21 -36.56 -13.25
C GLY B 122 -4.48 -36.02 -11.87
N LEU B 123 -4.14 -34.75 -11.67
CA LEU B 123 -4.39 -34.08 -10.40
C LEU B 123 -4.79 -32.62 -10.60
N VAL B 124 -5.25 -32.02 -9.51
CA VAL B 124 -5.68 -30.62 -9.51
C VAL B 124 -4.88 -29.89 -8.45
N MET B 125 -4.37 -28.71 -8.82
CA MET B 125 -3.71 -27.83 -7.86
C MET B 125 -4.48 -26.51 -7.87
N ILE B 126 -4.82 -26.06 -6.67
CA ILE B 126 -5.57 -24.83 -6.45
C ILE B 126 -4.59 -23.84 -5.82
N PHE B 127 -4.70 -22.57 -6.21
CA PHE B 127 -3.79 -21.52 -5.76
C PHE B 127 -4.57 -20.32 -5.23
N ALA B 128 -3.92 -19.51 -4.41
CA ALA B 128 -4.53 -18.28 -3.91
C ALA B 128 -4.61 -17.24 -5.03
N HIS B 129 -3.58 -17.22 -5.88
CA HIS B 129 -3.37 -16.20 -6.89
C HIS B 129 -2.28 -16.63 -7.88
N GLY B 130 -2.10 -15.85 -8.94
CA GLY B 130 -0.94 -15.97 -9.83
C GLY B 130 -1.02 -17.03 -10.91
N VAL B 131 -2.21 -17.56 -11.15
CA VAL B 131 -2.42 -18.48 -12.27
C VAL B 131 -2.80 -17.66 -13.50
N GLU B 132 -2.00 -17.80 -14.55
CA GLU B 132 -2.15 -17.06 -15.81
C GLU B 132 -2.25 -18.01 -17.00
N GLU B 133 -2.59 -17.47 -18.17
CA GLU B 133 -2.44 -18.22 -19.44
C GLU B 133 -1.05 -17.99 -20.01
N ILE B 134 -0.60 -18.93 -20.84
CA ILE B 134 0.65 -18.78 -21.60
C ILE B 134 0.48 -17.68 -22.65
N SER C 19 -29.82 12.38 -0.14
CA SER C 19 -29.65 13.83 -0.45
C SER C 19 -28.22 14.31 -0.21
N GLY C 20 -27.74 14.20 1.02
CA GLY C 20 -26.40 14.66 1.41
C GLY C 20 -26.19 16.16 1.25
N ALA C 21 -27.25 16.92 1.53
CA ALA C 21 -27.25 18.37 1.33
C ALA C 21 -27.89 19.10 2.50
N ILE C 22 -27.46 20.34 2.70
CA ILE C 22 -28.10 21.27 3.63
C ILE C 22 -28.05 22.67 3.01
N THR C 23 -29.16 23.40 3.07
CA THR C 23 -29.20 24.78 2.59
C THR C 23 -28.65 25.72 3.66
N ALA C 24 -28.28 26.93 3.22
CA ALA C 24 -27.84 27.99 4.12
C ALA C 24 -28.89 28.26 5.20
N LYS C 25 -30.16 28.34 4.80
CA LYS C 25 -31.29 28.55 5.70
C LYS C 25 -31.43 27.43 6.74
N GLU C 26 -31.32 26.19 6.28
CA GLU C 26 -31.37 25.01 7.16
C GLU C 26 -30.22 25.02 8.16
N LEU C 27 -29.03 25.40 7.70
CA LEU C 27 -27.84 25.49 8.55
C LEU C 27 -27.94 26.66 9.54
N TYR C 28 -28.46 27.80 9.07
CA TYR C 28 -28.71 28.93 9.95
C TYR C 28 -29.66 28.52 11.08
N THR C 29 -30.74 27.84 10.71
CA THR C 29 -31.75 27.34 11.65
C THR C 29 -31.14 26.34 12.65
N MET C 30 -30.30 25.45 12.15
CA MET C 30 -29.59 24.46 12.97
C MET C 30 -28.66 25.12 13.99
N MET C 31 -27.95 26.16 13.55
CA MET C 31 -27.01 26.89 14.39
C MET C 31 -27.69 27.69 15.49
N THR C 32 -28.78 28.38 15.14
CA THR C 32 -29.50 29.24 16.09
C THR C 32 -30.35 28.43 17.09
N ASP C 33 -30.94 27.33 16.63
CA ASP C 33 -31.63 26.38 17.50
C ASP C 33 -30.60 25.39 18.04
N LYS C 34 -30.05 25.71 19.21
CA LYS C 34 -28.99 24.91 19.83
C LYS C 34 -29.52 23.61 20.45
N ASN C 35 -30.28 22.86 19.65
CA ASN C 35 -30.89 21.60 20.06
C ASN C 35 -30.22 20.40 19.38
N ILE C 36 -29.56 20.66 18.25
CA ILE C 36 -28.91 19.61 17.45
C ILE C 36 -27.39 19.79 17.47
N SER C 37 -26.67 18.72 17.81
CA SER C 37 -25.20 18.72 17.80
C SER C 37 -24.66 18.68 16.37
N LEU C 38 -23.60 19.44 16.14
CA LEU C 38 -23.13 19.70 14.78
C LEU C 38 -21.66 20.06 14.73
N ILE C 39 -20.99 19.60 13.66
CA ILE C 39 -19.67 20.08 13.31
C ILE C 39 -19.70 20.61 11.88
N ILE C 40 -19.20 21.84 11.71
CA ILE C 40 -19.08 22.45 10.40
C ILE C 40 -17.62 22.38 10.02
N MET C 41 -17.34 21.69 8.92
CA MET C 41 -15.99 21.48 8.45
C MET C 41 -15.77 22.33 7.20
N ASP C 42 -14.81 23.25 7.30
CA ASP C 42 -14.49 24.19 6.24
C ASP C 42 -13.27 23.66 5.51
N ALA C 43 -13.48 23.23 4.27
CA ALA C 43 -12.44 22.61 3.44
C ALA C 43 -11.72 23.59 2.50
N ARG C 44 -11.87 24.89 2.75
CA ARG C 44 -11.13 25.91 2.02
C ARG C 44 -9.67 25.92 2.46
N ARG C 45 -8.83 26.61 1.69
CA ARG C 45 -7.41 26.76 2.02
C ARG C 45 -7.17 27.29 3.43
N MET C 46 -6.03 26.92 4.00
CA MET C 46 -5.60 27.33 5.34
C MET C 46 -5.88 28.81 5.61
N GLN C 47 -5.28 29.69 4.78
CA GLN C 47 -5.35 31.13 4.98
C GLN C 47 -6.75 31.73 4.75
N ASP C 48 -7.53 31.14 3.86
CA ASP C 48 -8.90 31.60 3.60
C ASP C 48 -9.79 31.46 4.84
N TYR C 49 -9.66 30.34 5.55
CA TYR C 49 -10.38 30.14 6.82
C TYR C 49 -9.94 31.15 7.88
N GLN C 50 -8.63 31.40 7.93
CA GLN C 50 -8.04 32.34 8.88
C GLN C 50 -8.50 33.78 8.63
N ASP C 51 -8.68 34.13 7.35
CA ASP C 51 -9.19 35.44 6.95
C ASP C 51 -10.64 35.66 7.40
N SER C 52 -11.46 34.62 7.23
CA SER C 52 -12.89 34.66 7.55
C SER C 52 -13.47 33.24 7.50
N CYS C 53 -14.34 32.94 8.46
CA CYS C 53 -14.98 31.64 8.53
C CYS C 53 -16.31 31.74 9.26
N ILE C 54 -17.18 30.74 9.05
CA ILE C 54 -18.41 30.60 9.82
C ILE C 54 -18.04 30.42 11.30
N LEU C 55 -18.80 31.09 12.17
CA LEU C 55 -18.64 30.99 13.61
C LEU C 55 -18.65 29.54 14.08
N HIS C 56 -17.65 29.20 14.89
CA HIS C 56 -17.50 27.88 15.52
C HIS C 56 -17.29 26.72 14.54
N SER C 57 -16.81 27.00 13.34
CA SER C 57 -16.53 25.96 12.36
C SER C 57 -15.11 25.44 12.55
N LEU C 58 -14.90 24.21 12.09
CA LEU C 58 -13.59 23.57 12.11
C LEU C 58 -12.91 23.69 10.74
N SER C 59 -11.67 24.17 10.75
CA SER C 59 -10.84 24.19 9.56
C SER C 59 -10.31 22.79 9.26
N VAL C 60 -10.71 22.24 8.12
CA VAL C 60 -10.09 21.04 7.58
C VAL C 60 -9.50 21.45 6.24
N PRO C 61 -8.28 22.04 6.26
CA PRO C 61 -7.78 22.79 5.12
C PRO C 61 -7.70 21.96 3.84
N GLU C 62 -7.88 22.61 2.70
CA GLU C 62 -7.72 22.00 1.38
C GLU C 62 -6.37 21.29 1.29
N GLU C 63 -5.33 21.92 1.84
CA GLU C 63 -3.97 21.39 1.83
C GLU C 63 -3.82 20.05 2.56
N ALA C 64 -4.76 19.76 3.47
CA ALA C 64 -4.74 18.55 4.29
C ALA C 64 -5.50 17.38 3.67
N ILE C 65 -6.04 17.56 2.47
CA ILE C 65 -6.73 16.46 1.82
C ILE C 65 -6.38 16.31 0.33
N SER C 66 -6.46 15.06 -0.14
CA SER C 66 -6.29 14.72 -1.54
C SER C 66 -7.13 13.47 -1.84
N PRO C 67 -7.40 13.17 -3.13
CA PRO C 67 -8.21 12.01 -3.49
C PRO C 67 -7.70 10.69 -2.92
N GLY C 68 -8.63 9.87 -2.43
CA GLY C 68 -8.33 8.52 -1.96
C GLY C 68 -7.72 8.38 -0.58
N VAL C 69 -7.65 9.47 0.19
CA VAL C 69 -7.03 9.40 1.51
C VAL C 69 -8.05 9.04 2.60
N THR C 70 -7.53 8.51 3.70
CA THR C 70 -8.33 8.07 4.84
C THR C 70 -8.55 9.21 5.81
N ALA C 71 -9.48 9.02 6.75
CA ALA C 71 -9.73 9.99 7.82
C ALA C 71 -8.47 10.29 8.64
N SER C 72 -7.70 9.25 8.97
CA SER C 72 -6.50 9.41 9.81
C SER C 72 -5.37 10.16 9.12
N TRP C 73 -5.22 9.95 7.81
CA TRP C 73 -4.28 10.70 6.98
C TRP C 73 -4.56 12.20 7.07
N ILE C 74 -5.82 12.58 6.87
CA ILE C 74 -6.25 13.98 7.01
C ILE C 74 -5.99 14.47 8.44
N GLU C 75 -6.46 13.70 9.42
CA GLU C 75 -6.25 14.01 10.83
C GLU C 75 -4.78 14.32 11.12
N ALA C 76 -3.88 13.47 10.63
CA ALA C 76 -2.45 13.65 10.82
C ALA C 76 -1.90 15.02 10.37
N HIS C 77 -2.61 15.69 9.48
CA HIS C 77 -2.20 17.02 8.99
C HIS C 77 -2.66 18.17 9.90
N LEU C 78 -3.57 17.88 10.82
CA LEU C 78 -4.27 18.91 11.58
C LEU C 78 -3.51 19.34 12.84
N PRO C 79 -3.64 20.62 13.24
CA PRO C 79 -3.17 21.06 14.55
C PRO C 79 -3.95 20.44 15.70
N ASP C 80 -3.35 20.43 16.89
CA ASP C 80 -3.89 19.79 18.09
C ASP C 80 -5.37 20.10 18.36
N ASP C 81 -5.73 21.38 18.40
CA ASP C 81 -7.11 21.78 18.67
C ASP C 81 -8.11 21.35 17.59
N SER C 82 -7.64 21.33 16.34
CA SER C 82 -8.42 20.78 15.24
C SER C 82 -8.55 19.25 15.35
N LYS C 83 -7.48 18.58 15.77
CA LYS C 83 -7.50 17.14 16.04
C LYS C 83 -8.49 16.74 17.13
N ASP C 84 -8.62 17.57 18.17
CA ASP C 84 -9.56 17.31 19.27
C ASP C 84 -11.00 17.24 18.77
N THR C 85 -11.39 18.22 17.95
CA THR C 85 -12.74 18.28 17.36
C THR C 85 -12.96 17.14 16.36
N TRP C 86 -11.95 16.87 15.54
CA TRP C 86 -12.01 15.79 14.54
C TRP C 86 -12.31 14.45 15.19
N LYS C 87 -11.73 14.22 16.37
CA LYS C 87 -11.94 12.98 17.14
C LYS C 87 -13.35 12.83 17.69
N LYS C 88 -14.08 13.94 17.80
CA LYS C 88 -15.44 13.95 18.35
C LYS C 88 -16.52 13.84 17.27
N ARG C 89 -16.11 13.69 16.01
CA ARG C 89 -17.03 13.70 14.88
C ARG C 89 -18.14 12.64 14.93
N GLY C 90 -17.86 11.53 15.60
CA GLY C 90 -18.82 10.45 15.77
C GLY C 90 -19.80 10.67 16.92
N ASN C 91 -19.59 11.73 17.70
CA ASN C 91 -20.48 12.07 18.80
C ASN C 91 -21.65 12.97 18.35
N VAL C 92 -21.45 13.72 17.27
CA VAL C 92 -22.44 14.70 16.81
C VAL C 92 -23.47 14.11 15.86
N GLU C 93 -24.64 14.75 15.83
CA GLU C 93 -25.73 14.37 14.95
C GLU C 93 -25.38 14.59 13.47
N TYR C 94 -24.89 15.79 13.15
CA TYR C 94 -24.59 16.12 11.76
C TYR C 94 -23.18 16.69 11.54
N VAL C 95 -22.59 16.30 10.42
CA VAL C 95 -21.33 16.88 9.96
C VAL C 95 -21.64 17.61 8.65
N VAL C 96 -21.34 18.91 8.64
CA VAL C 96 -21.61 19.76 7.49
C VAL C 96 -20.29 20.12 6.83
N LEU C 97 -20.24 19.96 5.50
CA LEU C 97 -19.04 20.28 4.73
C LEU C 97 -19.30 21.48 3.85
N LEU C 98 -18.27 22.31 3.68
CA LEU C 98 -18.33 23.43 2.74
C LEU C 98 -16.98 23.75 2.13
N ASP C 99 -17.04 24.40 0.98
CA ASP C 99 -15.88 25.05 0.38
C ASP C 99 -16.32 26.46 -0.04
N TRP C 100 -15.59 27.08 -0.97
CA TRP C 100 -15.96 28.40 -1.48
C TRP C 100 -17.30 28.46 -2.23
N PHE C 101 -17.54 27.52 -3.14
CA PHE C 101 -18.62 27.66 -4.13
C PHE C 101 -19.54 26.44 -4.33
N SER C 102 -19.09 25.25 -3.97
CA SER C 102 -19.74 24.01 -4.35
C SER C 102 -21.04 23.70 -3.64
N SER C 103 -21.88 22.92 -4.31
CA SER C 103 -23.06 22.30 -3.72
C SER C 103 -22.87 20.78 -3.72
N ALA C 104 -23.88 20.03 -3.28
CA ALA C 104 -23.82 18.56 -3.21
C ALA C 104 -23.54 17.89 -4.56
N LYS C 105 -24.07 18.46 -5.64
CA LYS C 105 -23.94 17.91 -6.99
C LYS C 105 -22.55 18.09 -7.61
N ASP C 106 -21.68 18.84 -6.92
CA ASP C 106 -20.35 19.16 -7.42
C ASP C 106 -19.26 18.26 -6.84
N LEU C 107 -19.67 17.15 -6.23
CA LEU C 107 -18.73 16.23 -5.58
C LEU C 107 -18.28 15.08 -6.50
N GLN C 108 -17.60 15.46 -7.59
CA GLN C 108 -16.99 14.50 -8.51
C GLN C 108 -15.70 13.95 -7.93
N ILE C 109 -15.31 12.74 -8.37
CA ILE C 109 -14.03 12.14 -7.98
C ILE C 109 -12.90 13.16 -8.15
N GLY C 110 -12.04 13.26 -7.14
CA GLY C 110 -10.88 14.14 -7.22
C GLY C 110 -11.09 15.53 -6.65
N THR C 111 -12.36 15.87 -6.40
CA THR C 111 -12.72 17.16 -5.82
C THR C 111 -12.44 17.10 -4.30
N THR C 112 -12.07 18.25 -3.72
CA THR C 112 -11.77 18.35 -2.28
C THR C 112 -12.89 17.80 -1.39
N LEU C 113 -14.13 18.21 -1.63
CA LEU C 113 -15.26 17.81 -0.78
C LEU C 113 -15.62 16.34 -0.91
N ARG C 114 -15.52 15.80 -2.13
CA ARG C 114 -15.73 14.38 -2.37
C ARG C 114 -14.73 13.54 -1.59
N SER C 115 -13.45 13.92 -1.64
CA SER C 115 -12.39 13.21 -0.93
C SER C 115 -12.55 13.30 0.60
N LEU C 116 -12.97 14.46 1.10
CA LEU C 116 -13.23 14.63 2.53
C LEU C 116 -14.38 13.74 2.96
N LYS C 117 -15.46 13.76 2.17
CA LYS C 117 -16.68 13.00 2.44
C LYS C 117 -16.45 11.50 2.41
N ASP C 118 -15.70 11.03 1.40
CA ASP C 118 -15.33 9.61 1.33
C ASP C 118 -14.40 9.19 2.46
N ALA C 119 -13.50 10.08 2.89
CA ALA C 119 -12.68 9.83 4.08
C ALA C 119 -13.52 9.66 5.34
N LEU C 120 -14.53 10.51 5.49
CA LEU C 120 -15.42 10.49 6.65
C LEU C 120 -16.43 9.34 6.65
N PHE C 121 -16.91 8.95 5.47
CA PHE C 121 -18.14 8.17 5.38
C PHE C 121 -18.09 6.91 4.51
N LYS C 122 -16.99 6.68 3.81
CA LYS C 122 -16.90 5.51 2.93
C LYS C 122 -15.78 4.55 3.35
N TRP C 123 -14.57 5.07 3.50
CA TRP C 123 -13.41 4.22 3.69
C TRP C 123 -13.07 3.91 5.13
N GLU C 124 -12.11 3.01 5.33
CA GLU C 124 -11.70 2.54 6.65
C GLU C 124 -11.51 3.71 7.62
N SER C 125 -12.21 3.64 8.75
CA SER C 125 -12.10 4.60 9.84
C SER C 125 -12.51 3.96 11.17
N LYS C 126 -11.81 4.33 12.24
CA LYS C 126 -12.14 3.90 13.59
C LYS C 126 -13.49 4.47 14.04
N THR C 127 -13.71 5.75 13.71
CA THR C 127 -14.92 6.47 14.09
C THR C 127 -15.92 6.45 12.94
N VAL C 128 -17.15 6.06 13.26
CA VAL C 128 -18.25 6.09 12.28
C VAL C 128 -19.20 7.23 12.61
N LEU C 129 -19.64 7.94 11.57
CA LEU C 129 -20.58 9.04 11.74
C LEU C 129 -21.99 8.52 11.95
N ARG C 130 -22.79 9.30 12.68
CA ARG C 130 -24.19 8.98 12.91
C ARG C 130 -25.02 9.18 11.64
N ASN C 131 -24.57 10.11 10.79
CA ASN C 131 -25.27 10.44 9.54
C ASN C 131 -24.33 10.73 8.38
N GLU C 132 -24.86 10.67 7.17
CA GLU C 132 -24.14 11.10 5.97
C GLU C 132 -23.76 12.58 6.09
N PRO C 133 -22.49 12.92 5.77
CA PRO C 133 -22.07 14.33 5.73
C PRO C 133 -22.91 15.16 4.76
N LEU C 134 -23.21 16.40 5.17
CA LEU C 134 -24.08 17.29 4.41
C LEU C 134 -23.31 18.44 3.79
N VAL C 135 -23.39 18.55 2.48
CA VAL C 135 -22.73 19.64 1.77
C VAL C 135 -23.62 20.89 1.83
N LEU C 136 -23.03 21.99 2.27
CA LEU C 136 -23.68 23.29 2.30
C LEU C 136 -23.84 23.84 0.89
N GLU C 137 -25.09 23.97 0.43
CA GLU C 137 -25.44 24.52 -0.88
C GLU C 137 -24.91 25.94 -1.07
N GLY C 138 -24.15 26.15 -2.15
CA GLY C 138 -23.59 27.47 -2.48
C GLY C 138 -22.30 27.82 -1.74
N GLY C 139 -21.91 26.99 -0.80
CA GLY C 139 -20.65 27.16 -0.07
C GLY C 139 -20.55 28.43 0.75
N TYR C 140 -19.32 28.80 1.07
CA TYR C 140 -19.05 29.93 1.95
C TYR C 140 -19.44 31.28 1.35
N GLU C 141 -19.36 31.41 0.03
CA GLU C 141 -19.66 32.69 -0.59
C GLU C 141 -21.13 33.05 -0.47
N ASN C 142 -21.99 32.08 -0.72
CA ASN C 142 -23.43 32.23 -0.50
C ASN C 142 -23.75 32.46 0.98
N TRP C 143 -22.99 31.84 1.87
CA TRP C 143 -23.13 32.11 3.31
C TRP C 143 -22.82 33.56 3.63
N LEU C 144 -21.75 34.11 3.06
CA LEU C 144 -21.41 35.52 3.22
C LEU C 144 -22.46 36.48 2.67
N LEU C 145 -23.09 36.10 1.55
CA LEU C 145 -24.19 36.88 0.98
C LEU C 145 -25.41 36.89 1.88
N CYS C 146 -25.78 35.71 2.36
CA CYS C 146 -27.02 35.52 3.12
C CYS C 146 -26.90 35.76 4.62
N TYR C 147 -25.79 35.34 5.23
CA TYR C 147 -25.62 35.44 6.69
C TYR C 147 -24.22 35.92 7.12
N PRO C 148 -23.79 37.11 6.65
CA PRO C 148 -22.46 37.60 7.00
C PRO C 148 -22.25 37.86 8.50
N GLN C 149 -23.34 38.02 9.24
CA GLN C 149 -23.29 38.24 10.69
C GLN C 149 -22.84 36.99 11.46
N TYR C 150 -22.95 35.84 10.81
CA TYR C 150 -22.55 34.56 11.37
C TYR C 150 -21.18 34.12 10.85
N THR C 151 -20.29 35.09 10.67
CA THR C 151 -18.92 34.86 10.24
C THR C 151 -17.96 35.66 11.11
N THR C 152 -16.67 35.33 11.04
CA THR C 152 -15.63 36.06 11.75
C THR C 152 -15.15 37.26 10.94
N SER D 9 32.04 14.87 21.81
CA SER D 9 33.28 15.70 21.76
C SER D 9 33.02 17.15 22.16
N THR D 10 34.07 17.81 22.64
CA THR D 10 34.00 19.21 23.10
C THR D 10 33.80 20.18 21.93
N ILE D 11 34.38 19.87 20.78
CA ILE D 11 34.23 20.67 19.57
C ILE D 11 32.78 20.69 19.06
N GLU D 12 32.08 19.58 19.25
CA GLU D 12 30.68 19.44 18.83
C GLU D 12 29.77 20.40 19.60
N TYR D 13 29.83 20.33 20.93
CA TYR D 13 29.02 21.16 21.83
C TYR D 13 29.19 22.67 21.65
N ASN D 14 30.42 23.12 21.42
CA ASN D 14 30.72 24.54 21.22
C ASN D 14 30.13 25.11 19.92
N GLU D 15 30.11 24.29 18.87
CA GLU D 15 29.53 24.66 17.59
C GLU D 15 28.00 24.68 17.65
N ILE D 16 27.44 23.80 18.48
CA ILE D 16 26.00 23.76 18.75
C ILE D 16 25.59 25.01 19.53
N LEU D 17 26.29 25.27 20.63
CA LEU D 17 26.01 26.40 21.51
C LEU D 17 26.14 27.75 20.81
N GLU D 18 27.11 27.86 19.90
CA GLU D 18 27.26 29.04 19.06
C GLU D 18 26.10 29.21 18.07
N TRP D 19 25.64 28.09 17.50
CA TRP D 19 24.48 28.12 16.60
C TRP D 19 23.20 28.51 17.34
N VAL D 20 22.96 27.89 18.50
CA VAL D 20 21.84 28.22 19.37
C VAL D 20 21.84 29.71 19.76
N ASN D 21 23.02 30.24 20.09
CA ASN D 21 23.17 31.65 20.48
C ASN D 21 22.94 32.64 19.34
N SER D 22 23.09 32.18 18.10
CA SER D 22 22.86 33.00 16.92
C SER D 22 21.36 33.15 16.59
N LEU D 23 20.56 32.24 17.14
CA LEU D 23 19.12 32.15 16.87
C LEU D 23 18.28 33.20 17.58
N GLN D 24 17.22 33.65 16.90
CA GLN D 24 16.23 34.55 17.47
C GLN D 24 15.31 33.83 18.46
N PRO D 25 14.96 34.48 19.58
CA PRO D 25 13.95 33.92 20.48
C PRO D 25 12.57 33.95 19.83
N ALA D 26 11.72 33.00 20.21
CA ALA D 26 10.37 32.93 19.66
C ALA D 26 9.30 32.81 20.75
N ARG D 27 8.18 33.50 20.53
CA ARG D 27 7.00 33.39 21.37
C ARG D 27 5.98 32.53 20.63
N VAL D 28 5.56 31.44 21.28
CA VAL D 28 4.48 30.62 20.78
C VAL D 28 3.18 31.18 21.36
N THR D 29 2.31 31.71 20.52
CA THR D 29 1.05 32.27 21.02
C THR D 29 -0.13 31.30 20.92
N ARG D 30 0.00 30.26 20.09
CA ARG D 30 -1.07 29.28 19.91
C ARG D 30 -0.58 27.84 20.01
N TRP D 31 -0.48 27.35 21.25
CA TRP D 31 -0.14 25.95 21.53
C TRP D 31 -1.12 24.96 20.91
N GLY D 32 -2.37 25.38 20.73
CA GLY D 32 -3.36 24.60 20.01
C GLY D 32 -3.10 24.48 18.52
N GLY D 33 -2.18 25.28 18.00
CA GLY D 33 -1.77 25.24 16.58
C GLY D 33 -0.68 24.23 16.27
N MET D 34 -0.24 23.49 17.28
CA MET D 34 0.85 22.53 17.15
C MET D 34 0.49 21.40 16.18
N ILE D 35 1.37 21.18 15.22
CA ILE D 35 1.27 20.06 14.30
C ILE D 35 2.22 18.99 14.83
N SER D 36 1.66 17.96 15.46
CA SER D 36 2.44 16.95 16.17
C SER D 36 2.86 15.77 15.30
N THR D 37 2.19 15.61 14.15
CA THR D 37 2.47 14.53 13.22
C THR D 37 2.70 15.08 11.81
N PRO D 38 3.76 15.90 11.62
CA PRO D 38 3.99 16.53 10.31
C PRO D 38 4.43 15.52 9.26
N ASP D 39 3.94 15.69 8.03
CA ASP D 39 4.34 14.84 6.91
C ASP D 39 5.81 15.08 6.54
N ALA D 40 6.37 14.13 5.80
CA ALA D 40 7.78 14.15 5.36
C ALA D 40 8.13 15.38 4.53
N VAL D 41 7.22 15.80 3.66
CA VAL D 41 7.37 17.03 2.86
C VAL D 41 7.53 18.27 3.76
N LEU D 42 6.66 18.42 4.75
CA LEU D 42 6.77 19.50 5.74
C LEU D 42 8.06 19.39 6.57
N GLN D 43 8.46 18.18 6.92
CA GLN D 43 9.71 17.93 7.64
C GLN D 43 10.94 18.35 6.84
N ALA D 44 10.90 18.12 5.52
CA ALA D 44 11.97 18.49 4.61
C ALA D 44 12.09 20.01 4.45
N VAL D 45 10.94 20.69 4.38
CA VAL D 45 10.87 22.15 4.38
C VAL D 45 11.53 22.76 5.62
N ILE D 46 11.22 22.19 6.78
CA ILE D 46 11.79 22.67 8.04
C ILE D 46 13.29 22.35 8.15
N LYS D 47 13.68 21.19 7.64
CA LYS D 47 15.09 20.81 7.58
C LYS D 47 15.91 21.79 6.74
N ARG D 48 15.36 22.18 5.59
CA ARG D 48 16.02 23.16 4.72
C ARG D 48 16.25 24.49 5.45
N SER D 49 15.26 24.94 6.21
CA SER D 49 15.36 26.15 7.01
C SER D 49 16.38 26.07 8.14
N LEU D 50 16.46 24.92 8.81
CA LEU D 50 17.47 24.70 9.85
C LEU D 50 18.88 24.77 9.27
N VAL D 51 19.11 24.09 8.15
CA VAL D 51 20.41 24.06 7.46
C VAL D 51 20.83 25.48 7.06
N GLU D 52 19.90 26.23 6.50
CA GLU D 52 20.14 27.60 6.03
C GLU D 52 20.46 28.58 7.18
N SER D 53 20.12 28.20 8.40
CA SER D 53 20.46 28.97 9.60
C SER D 53 21.77 28.48 10.23
N GLY D 54 22.41 27.52 9.58
CA GLY D 54 23.71 27.00 9.99
C GLY D 54 23.71 25.96 11.07
N CYS D 55 22.64 25.15 11.13
CA CYS D 55 22.53 24.06 12.09
C CYS D 55 23.66 23.07 11.87
N PRO D 56 24.36 22.69 12.95
CA PRO D 56 25.45 21.70 12.85
C PRO D 56 24.93 20.39 12.27
N ALA D 57 25.67 19.84 11.32
CA ALA D 57 25.28 18.62 10.60
C ALA D 57 25.18 17.40 11.52
N SER D 58 25.82 17.48 12.68
CA SER D 58 25.82 16.38 13.65
C SER D 58 24.50 16.23 14.41
N ILE D 59 23.67 17.27 14.43
CA ILE D 59 22.41 17.25 15.16
C ILE D 59 21.15 17.53 14.32
N VAL D 60 21.35 18.06 13.11
CA VAL D 60 20.22 18.48 12.27
C VAL D 60 19.22 17.36 11.95
N ASN D 61 19.72 16.13 11.74
CA ASN D 61 18.87 14.98 11.49
C ASN D 61 18.11 14.50 12.72
N GLU D 62 18.77 14.55 13.89
CA GLU D 62 18.12 14.23 15.15
C GLU D 62 16.99 15.22 15.48
N LEU D 63 17.20 16.49 15.18
CA LEU D 63 16.21 17.53 15.46
C LEU D 63 14.95 17.39 14.62
N ILE D 64 15.13 17.02 13.35
CA ILE D 64 14.00 16.77 12.45
C ILE D 64 13.28 15.48 12.84
N GLU D 65 14.02 14.46 13.29
CA GLU D 65 13.42 13.28 13.92
C GLU D 65 12.50 13.70 15.06
N ASN D 66 13.02 14.56 15.94
CA ASN D 66 12.29 15.08 17.10
C ASN D 66 11.31 16.21 16.77
N ALA D 67 10.76 16.21 15.55
CA ALA D 67 9.70 17.15 15.15
C ALA D 67 8.33 16.46 15.12
N HIS D 68 8.34 15.16 15.38
CA HIS D 68 7.15 14.32 15.31
C HIS D 68 6.95 13.70 16.69
N GLU D 69 5.70 13.57 17.11
CA GLU D 69 5.35 13.09 18.45
C GLU D 69 5.81 11.66 18.77
N ARG D 70 6.09 10.87 17.73
CA ARG D 70 6.62 9.51 17.89
C ARG D 70 8.01 9.49 18.53
N SER D 71 8.68 10.64 18.53
CA SER D 71 10.01 10.79 19.10
C SER D 71 10.06 11.88 20.17
N TRP D 72 8.90 12.25 20.70
CA TRP D 72 8.80 13.25 21.76
C TRP D 72 8.77 12.60 23.14
N PRO D 73 9.25 13.30 24.18
CA PRO D 73 9.25 12.71 25.52
C PRO D 73 7.85 12.67 26.14
N GLN D 74 7.72 11.92 27.22
CA GLN D 74 6.43 11.64 27.88
C GLN D 74 5.55 12.87 28.14
N GLY D 75 6.17 13.99 28.48
CA GLY D 75 5.43 15.21 28.81
C GLY D 75 4.84 15.94 27.61
N LEU D 76 5.01 15.36 26.43
CA LEU D 76 4.63 15.98 25.16
C LEU D 76 4.11 14.98 24.12
N ALA D 77 4.20 13.68 24.41
CA ALA D 77 3.95 12.62 23.42
C ALA D 77 2.53 12.52 22.85
N THR D 78 1.51 12.60 23.70
CA THR D 78 0.12 12.42 23.27
C THR D 78 -0.66 13.73 23.31
N LEU D 79 -1.70 13.81 22.46
CA LEU D 79 -2.62 14.94 22.45
C LEU D 79 -3.19 15.23 23.84
N GLU D 80 -3.68 14.20 24.53
CA GLU D 80 -4.28 14.35 25.86
C GLU D 80 -3.33 14.98 26.89
N THR D 81 -2.07 14.54 26.87
CA THR D 81 -1.02 15.11 27.71
C THR D 81 -0.76 16.58 27.34
N ARG D 82 -0.72 16.87 26.03
CA ARG D 82 -0.48 18.21 25.54
C ARG D 82 -1.62 19.18 25.89
N GLN D 83 -2.84 18.66 25.93
CA GLN D 83 -3.99 19.44 26.38
C GLN D 83 -3.90 19.76 27.88
N MET D 84 -3.47 18.80 28.69
CA MET D 84 -3.30 18.98 30.14
C MET D 84 -2.19 20.01 30.40
N ASN D 85 -1.06 19.83 29.74
CA ASN D 85 0.17 20.56 30.01
C ASN D 85 0.32 21.89 29.29
N ARG D 86 -0.66 22.26 28.48
CA ARG D 86 -0.61 23.44 27.61
C ARG D 86 0.04 24.66 28.27
N ARG D 87 -0.43 25.02 29.47
CA ARG D 87 0.05 26.21 30.17
C ARG D 87 1.50 26.09 30.64
N TYR D 88 1.93 24.87 30.94
CA TYR D 88 3.32 24.62 31.32
C TYR D 88 4.30 24.85 30.15
N TYR D 89 3.85 24.62 28.92
CA TYR D 89 4.68 24.78 27.73
C TYR D 89 5.16 26.22 27.49
N GLU D 90 4.46 27.19 28.08
CA GLU D 90 4.83 28.60 28.00
C GLU D 90 6.20 28.88 28.65
N ASN D 91 6.65 27.95 29.50
CA ASN D 91 7.92 28.07 30.22
C ASN D 91 9.14 27.55 29.45
N TYR D 92 8.92 26.86 28.33
CA TYR D 92 9.97 26.47 27.41
C TYR D 92 10.75 27.69 26.93
N VAL D 93 12.06 27.54 26.81
CA VAL D 93 12.88 28.53 26.11
C VAL D 93 12.95 28.08 24.65
N ALA D 94 12.28 28.82 23.77
CA ALA D 94 12.17 28.46 22.36
C ALA D 94 12.93 29.42 21.46
N LYS D 95 13.65 28.87 20.48
CA LYS D 95 14.33 29.66 19.47
C LYS D 95 13.67 29.46 18.10
N ARG D 96 13.64 30.52 17.30
CA ARG D 96 12.94 30.52 16.02
C ARG D 96 13.72 29.81 14.92
N ILE D 97 13.00 29.04 14.11
CA ILE D 97 13.52 28.55 12.83
C ILE D 97 13.13 29.63 11.82
N PRO D 98 14.14 30.35 11.28
CA PRO D 98 13.91 31.59 10.52
C PRO D 98 13.00 31.42 9.32
N GLY D 99 11.99 32.30 9.23
CA GLY D 99 11.05 32.31 8.11
C GLY D 99 9.91 31.31 8.20
N LYS D 100 9.91 30.52 9.27
CA LYS D 100 8.94 29.42 9.43
C LYS D 100 8.15 29.51 10.74
N GLN D 101 6.96 28.93 10.72
CA GLN D 101 6.12 28.80 11.91
C GLN D 101 6.54 27.55 12.66
N ALA D 102 7.74 27.61 13.25
CA ALA D 102 8.41 26.47 13.87
C ALA D 102 9.46 26.95 14.85
N VAL D 103 9.61 26.21 15.95
CA VAL D 103 10.60 26.53 16.97
C VAL D 103 11.52 25.34 17.23
N VAL D 104 12.69 25.61 17.78
CA VAL D 104 13.53 24.57 18.35
C VAL D 104 13.55 24.75 19.86
N VAL D 105 13.37 23.65 20.58
CA VAL D 105 13.51 23.64 22.03
C VAL D 105 14.73 22.79 22.37
N MET D 106 15.83 23.48 22.65
CA MET D 106 17.11 22.82 22.89
C MET D 106 17.24 22.40 24.35
N ALA D 107 17.81 21.21 24.56
CA ALA D 107 18.02 20.66 25.89
C ALA D 107 18.92 21.53 26.77
N CYS D 108 19.94 22.15 26.16
CA CYS D 108 20.91 22.97 26.87
C CYS D 108 20.33 24.27 27.44
N GLU D 109 19.15 24.65 26.94
CA GLU D 109 18.45 25.85 27.37
C GLU D 109 17.22 25.53 28.21
N ASN D 110 16.92 24.25 28.36
CA ASN D 110 15.67 23.81 28.97
C ASN D 110 15.79 22.73 30.06
N GLN D 111 16.90 22.76 30.81
CA GLN D 111 17.06 21.85 31.96
C GLN D 111 16.04 22.12 33.07
N HIS D 112 15.51 23.34 33.10
CA HIS D 112 14.49 23.74 34.08
C HIS D 112 13.14 23.06 33.91
N MET D 113 12.89 22.47 32.75
CA MET D 113 11.58 21.89 32.41
C MET D 113 11.33 20.47 32.94
N GLY D 114 12.39 19.67 33.01
CA GLY D 114 12.28 18.24 33.35
C GLY D 114 12.70 17.34 32.20
N ASP D 115 13.21 16.15 32.51
CA ASP D 115 13.76 15.24 31.49
C ASP D 115 12.71 14.56 30.59
N ASP D 116 11.46 14.59 31.03
CA ASP D 116 10.33 14.13 30.21
C ASP D 116 9.71 15.28 29.41
N MET D 117 10.43 16.40 29.35
CA MET D 117 9.96 17.58 28.64
C MET D 117 10.91 17.95 27.49
N VAL D 118 12.16 17.48 27.58
CA VAL D 118 13.15 17.68 26.53
C VAL D 118 14.23 16.59 26.59
N GLN D 119 14.70 16.20 25.41
CA GLN D 119 15.78 15.22 25.28
C GLN D 119 16.89 15.81 24.42
N GLU D 120 18.12 15.35 24.62
CA GLU D 120 19.27 15.83 23.85
C GLU D 120 19.15 15.39 22.39
N PRO D 121 19.53 16.26 21.43
CA PRO D 121 20.00 17.64 21.59
C PRO D 121 18.87 18.66 21.78
N GLY D 122 17.67 18.30 21.31
CA GLY D 122 16.51 19.17 21.40
C GLY D 122 15.30 18.62 20.67
N LEU D 123 14.24 19.42 20.65
CA LEU D 123 12.99 19.10 19.97
C LEU D 123 12.65 20.20 18.99
N VAL D 124 11.95 19.84 17.93
CA VAL D 124 11.39 20.82 17.02
C VAL D 124 9.86 20.78 17.13
N MET D 125 9.25 21.96 17.25
CA MET D 125 7.79 22.06 17.26
C MET D 125 7.31 22.93 16.11
N ILE D 126 6.46 22.35 15.27
CA ILE D 126 5.90 23.02 14.09
C ILE D 126 4.47 23.44 14.40
N PHE D 127 4.12 24.67 14.01
CA PHE D 127 2.81 25.23 14.29
C PHE D 127 2.10 25.67 13.01
N ALA D 128 0.77 25.65 13.03
CA ALA D 128 -0.01 26.17 11.91
C ALA D 128 0.15 27.68 11.78
N HIS D 129 0.26 28.35 12.93
CA HIS D 129 0.39 29.81 13.01
C HIS D 129 0.67 30.22 14.46
N GLY D 130 0.94 31.51 14.65
CA GLY D 130 1.02 32.10 15.98
C GLY D 130 2.41 32.12 16.60
N VAL D 131 3.42 31.75 15.82
CA VAL D 131 4.80 31.91 16.27
C VAL D 131 5.23 33.34 15.95
N GLU D 132 5.72 34.03 16.98
CA GLU D 132 6.06 35.45 16.91
C GLU D 132 7.48 35.73 17.39
N GLU D 133 8.05 36.82 16.89
CA GLU D 133 9.32 37.34 17.36
C GLU D 133 9.12 38.04 18.71
N ILE D 134 10.16 38.02 19.54
CA ILE D 134 10.19 38.79 20.78
C ILE D 134 11.52 39.51 20.98
N SER E 19 34.73 4.98 -9.56
CA SER E 19 34.71 3.62 -8.91
C SER E 19 33.51 2.77 -9.34
N GLY E 20 32.30 3.35 -9.23
CA GLY E 20 31.07 2.73 -9.75
C GLY E 20 30.67 1.39 -9.19
N ALA E 21 30.98 1.17 -7.92
CA ALA E 21 30.76 -0.12 -7.26
C ALA E 21 30.38 0.03 -5.80
N ILE E 22 29.68 -0.98 -5.29
CA ILE E 22 29.27 -1.05 -3.89
C ILE E 22 29.29 -2.51 -3.44
N THR E 23 29.79 -2.77 -2.24
CA THR E 23 29.79 -4.14 -1.71
C THR E 23 28.47 -4.41 -0.97
N ALA E 24 28.17 -5.68 -0.74
CA ALA E 24 26.97 -6.10 -0.03
C ALA E 24 26.89 -5.44 1.35
N LYS E 25 27.99 -5.48 2.08
CA LYS E 25 28.14 -4.84 3.38
C LYS E 25 27.84 -3.34 3.30
N GLU E 26 28.40 -2.67 2.30
CA GLU E 26 28.21 -1.24 2.09
C GLU E 26 26.77 -0.86 1.69
N LEU E 27 26.11 -1.72 0.92
CA LEU E 27 24.70 -1.50 0.59
C LEU E 27 23.82 -1.72 1.82
N TYR E 28 24.16 -2.74 2.62
CA TYR E 28 23.49 -3.00 3.89
C TYR E 28 23.55 -1.80 4.84
N THR E 29 24.72 -1.17 4.94
CA THR E 29 24.92 0.02 5.76
C THR E 29 24.08 1.18 5.23
N MET E 30 24.11 1.36 3.91
CA MET E 30 23.29 2.34 3.19
C MET E 30 21.79 2.22 3.46
N MET E 31 21.24 1.01 3.32
CA MET E 31 19.80 0.77 3.46
C MET E 31 19.27 1.03 4.87
N THR E 32 20.10 0.70 5.86
CA THR E 32 19.72 0.79 7.27
C THR E 32 20.01 2.16 7.87
N ASP E 33 20.75 2.99 7.14
CA ASP E 33 20.93 4.39 7.48
C ASP E 33 19.87 5.21 6.74
N LYS E 34 18.82 5.59 7.47
CA LYS E 34 17.65 6.25 6.89
C LYS E 34 17.86 7.73 6.59
N ASN E 35 19.11 8.19 6.66
CA ASN E 35 19.46 9.56 6.32
C ASN E 35 20.00 9.72 4.89
N ILE E 36 20.05 8.62 4.16
CA ILE E 36 20.51 8.63 2.77
C ILE E 36 19.40 8.07 1.86
N SER E 37 19.07 8.82 0.82
CA SER E 37 18.07 8.40 -0.18
C SER E 37 18.70 7.46 -1.21
N LEU E 38 17.96 6.43 -1.59
CA LEU E 38 18.48 5.35 -2.42
C LEU E 38 17.40 4.66 -3.25
N ILE E 39 17.72 4.33 -4.49
CA ILE E 39 16.92 3.39 -5.28
C ILE E 39 17.79 2.21 -5.67
N ILE E 40 17.33 1.01 -5.31
CA ILE E 40 17.98 -0.23 -5.74
C ILE E 40 17.24 -0.72 -6.98
N MET E 41 18.00 -0.95 -8.06
CA MET E 41 17.43 -1.41 -9.32
C MET E 41 17.89 -2.82 -9.63
N ASP E 42 16.94 -3.75 -9.61
CA ASP E 42 17.19 -5.17 -9.81
C ASP E 42 16.95 -5.47 -11.29
N ALA E 43 18.02 -5.80 -12.01
CA ALA E 43 17.93 -6.05 -13.45
C ALA E 43 17.80 -7.52 -13.85
N ARG E 44 17.48 -8.38 -12.88
CA ARG E 44 17.23 -9.80 -13.14
C ARG E 44 15.89 -10.02 -13.86
N ARG E 45 15.67 -11.24 -14.34
CA ARG E 45 14.42 -11.61 -14.99
C ARG E 45 13.23 -11.42 -14.06
N MET E 46 12.08 -11.08 -14.64
CA MET E 46 10.84 -10.83 -13.91
C MET E 46 10.55 -11.89 -12.84
N GLN E 47 10.54 -13.16 -13.25
CA GLN E 47 10.25 -14.28 -12.34
C GLN E 47 11.20 -14.39 -11.17
N ASP E 48 12.50 -14.20 -11.42
CA ASP E 48 13.52 -14.22 -10.37
C ASP E 48 13.28 -13.13 -9.34
N TYR E 49 12.91 -11.94 -9.81
CA TYR E 49 12.60 -10.81 -8.95
C TYR E 49 11.42 -11.13 -8.04
N GLN E 50 10.38 -11.71 -8.62
CA GLN E 50 9.15 -12.04 -7.91
C GLN E 50 9.36 -13.15 -6.88
N ASP E 51 10.26 -14.08 -7.20
CA ASP E 51 10.65 -15.15 -6.29
C ASP E 51 11.28 -14.61 -5.01
N SER E 52 12.15 -13.62 -5.17
CA SER E 52 13.01 -13.13 -4.11
C SER E 52 13.76 -11.91 -4.63
N CYS E 53 13.67 -10.79 -3.90
CA CYS E 53 14.40 -9.58 -4.22
C CYS E 53 14.72 -8.85 -2.93
N ILE E 54 15.63 -7.86 -3.01
CA ILE E 54 15.97 -7.01 -1.87
C ILE E 54 14.75 -6.16 -1.50
N LEU E 55 14.51 -6.00 -0.21
CA LEU E 55 13.41 -5.16 0.26
C LEU E 55 13.47 -3.76 -0.35
N HIS E 56 12.31 -3.30 -0.80
CA HIS E 56 12.09 -1.98 -1.43
C HIS E 56 12.73 -1.77 -2.81
N SER E 57 13.33 -2.79 -3.38
CA SER E 57 14.01 -2.62 -4.67
C SER E 57 13.02 -2.49 -5.82
N LEU E 58 13.48 -1.88 -6.91
CA LEU E 58 12.69 -1.69 -8.12
C LEU E 58 13.11 -2.72 -9.16
N SER E 59 12.14 -3.44 -9.68
CA SER E 59 12.42 -4.31 -10.82
C SER E 59 12.56 -3.49 -12.09
N VAL E 60 13.76 -3.55 -12.68
CA VAL E 60 13.99 -3.07 -14.03
C VAL E 60 14.45 -4.29 -14.82
N PRO E 61 13.50 -5.14 -15.24
CA PRO E 61 13.80 -6.52 -15.61
C PRO E 61 14.67 -6.66 -16.85
N GLU E 62 15.35 -7.81 -16.93
CA GLU E 62 16.24 -8.15 -18.03
C GLU E 62 15.54 -8.09 -19.39
N GLU E 63 14.27 -8.49 -19.41
CA GLU E 63 13.44 -8.47 -20.61
C GLU E 63 13.19 -7.05 -21.14
N ALA E 64 13.19 -6.08 -20.22
CA ALA E 64 12.92 -4.67 -20.55
C ALA E 64 14.12 -3.93 -21.12
N ILE E 65 15.31 -4.54 -21.04
CA ILE E 65 16.52 -3.87 -21.47
C ILE E 65 17.20 -4.60 -22.65
N SER E 66 17.83 -3.82 -23.51
CA SER E 66 18.54 -4.32 -24.68
C SER E 66 19.62 -3.31 -25.06
N PRO E 67 20.67 -3.73 -25.80
CA PRO E 67 21.71 -2.78 -26.18
C PRO E 67 21.16 -1.51 -26.84
N GLY E 68 21.46 -0.37 -26.23
CA GLY E 68 21.04 0.93 -26.75
C GLY E 68 19.71 1.48 -26.24
N VAL E 69 19.13 0.86 -25.21
CA VAL E 69 17.87 1.36 -24.64
C VAL E 69 18.04 2.72 -23.97
N THR E 70 17.00 3.53 -24.12
CA THR E 70 16.92 4.84 -23.47
C THR E 70 16.07 4.69 -22.22
N ALA E 71 16.29 5.61 -21.28
CA ALA E 71 15.51 5.68 -20.04
C ALA E 71 14.02 5.82 -20.30
N SER E 72 13.66 6.61 -21.32
CA SER E 72 12.25 6.83 -21.65
C SER E 72 11.59 5.63 -22.35
N TRP E 73 12.39 4.84 -23.06
CA TRP E 73 11.92 3.57 -23.62
C TRP E 73 11.59 2.61 -22.48
N ILE E 74 12.51 2.50 -21.52
CA ILE E 74 12.33 1.67 -20.33
C ILE E 74 11.08 2.11 -19.57
N GLU E 75 10.96 3.41 -19.32
CA GLU E 75 9.83 3.99 -18.60
C GLU E 75 8.49 3.60 -19.24
N ALA E 76 8.38 3.76 -20.55
CA ALA E 76 7.17 3.41 -21.28
C ALA E 76 6.73 1.95 -21.08
N HIS E 77 7.68 1.08 -20.76
CA HIS E 77 7.40 -0.35 -20.55
C HIS E 77 7.24 -0.77 -19.09
N LEU E 78 7.19 0.19 -18.17
CA LEU E 78 7.03 -0.14 -16.76
C LEU E 78 5.57 -0.08 -16.30
N PRO E 79 5.18 -1.00 -15.38
CA PRO E 79 3.90 -0.83 -14.72
C PRO E 79 3.86 0.46 -13.88
N ASP E 80 2.66 0.94 -13.58
CA ASP E 80 2.43 2.20 -12.86
C ASP E 80 3.29 2.42 -11.61
N ASP E 81 3.31 1.47 -10.67
CA ASP E 81 4.06 1.62 -9.42
C ASP E 81 5.58 1.71 -9.66
N SER E 82 6.06 1.00 -10.68
CA SER E 82 7.47 1.06 -11.07
C SER E 82 7.83 2.37 -11.76
N LYS E 83 6.93 2.87 -12.61
CA LYS E 83 7.05 4.17 -13.26
C LYS E 83 7.25 5.30 -12.27
N ASP E 84 6.43 5.31 -11.22
CA ASP E 84 6.53 6.29 -10.14
C ASP E 84 7.97 6.39 -9.61
N THR E 85 8.57 5.25 -9.27
CA THR E 85 9.96 5.21 -8.79
C THR E 85 10.97 5.65 -9.86
N TRP E 86 10.81 5.12 -11.07
CA TRP E 86 11.69 5.43 -12.18
C TRP E 86 11.78 6.93 -12.47
N LYS E 87 10.62 7.60 -12.46
CA LYS E 87 10.53 9.04 -12.69
C LYS E 87 11.16 9.85 -11.57
N LYS E 88 11.32 9.23 -10.40
CA LYS E 88 11.93 9.87 -9.23
C LYS E 88 13.40 9.54 -9.06
N ARG E 89 14.01 8.92 -10.06
CA ARG E 89 15.42 8.48 -10.01
C ARG E 89 16.42 9.62 -9.85
N GLY E 90 16.03 10.83 -10.24
CA GLY E 90 16.85 12.03 -10.08
C GLY E 90 16.77 12.70 -8.72
N ASN E 91 15.81 12.28 -7.90
CA ASN E 91 15.60 12.87 -6.56
C ASN E 91 16.49 12.25 -5.50
N VAL E 92 16.92 11.02 -5.74
CA VAL E 92 17.67 10.24 -4.75
C VAL E 92 19.18 10.46 -4.89
N GLU E 93 19.89 10.24 -3.79
CA GLU E 93 21.34 10.42 -3.70
C GLU E 93 22.09 9.34 -4.50
N TYR E 94 21.76 8.08 -4.24
CA TYR E 94 22.41 6.95 -4.89
C TYR E 94 21.42 6.04 -5.62
N VAL E 95 21.84 5.56 -6.78
CA VAL E 95 21.13 4.51 -7.50
C VAL E 95 22.04 3.29 -7.55
N VAL E 96 21.54 2.16 -7.05
CA VAL E 96 22.32 0.94 -7.01
C VAL E 96 21.77 -0.08 -8.02
N LEU E 97 22.66 -0.68 -8.80
CA LEU E 97 22.29 -1.65 -9.83
C LEU E 97 22.76 -3.04 -9.46
N LEU E 98 21.90 -4.03 -9.66
CA LEU E 98 22.26 -5.41 -9.38
C LEU E 98 21.70 -6.39 -10.42
N ASP E 99 22.38 -7.52 -10.56
CA ASP E 99 21.88 -8.67 -11.31
C ASP E 99 22.24 -9.93 -10.51
N TRP E 100 22.22 -11.11 -11.14
CA TRP E 100 22.54 -12.35 -10.43
C TRP E 100 23.98 -12.43 -9.90
N PHE E 101 24.96 -12.24 -10.78
CA PHE E 101 26.36 -12.57 -10.46
C PHE E 101 27.39 -11.45 -10.70
N SER E 102 27.02 -10.44 -11.48
CA SER E 102 28.00 -9.45 -11.92
C SER E 102 28.55 -8.53 -10.83
N SER E 103 29.67 -7.90 -11.16
CA SER E 103 30.27 -6.82 -10.39
C SER E 103 30.53 -5.68 -11.37
N ALA E 104 31.10 -4.59 -10.89
CA ALA E 104 31.39 -3.41 -11.72
C ALA E 104 32.28 -3.71 -12.93
N LYS E 105 33.20 -4.65 -12.78
CA LYS E 105 34.12 -5.02 -13.87
C LYS E 105 33.44 -5.76 -15.03
N ASP E 106 32.20 -6.18 -14.84
CA ASP E 106 31.49 -7.04 -15.79
C ASP E 106 30.52 -6.28 -16.70
N LEU E 107 30.69 -4.97 -16.77
CA LEU E 107 29.82 -4.10 -17.56
C LEU E 107 30.38 -3.80 -18.95
N GLN E 108 30.59 -4.87 -19.73
CA GLN E 108 31.02 -4.76 -21.12
C GLN E 108 29.82 -4.46 -22.02
N ILE E 109 30.07 -3.84 -23.16
CA ILE E 109 29.04 -3.54 -24.14
C ILE E 109 28.25 -4.80 -24.51
N GLY E 110 26.92 -4.69 -24.48
CA GLY E 110 26.04 -5.80 -24.80
C GLY E 110 25.43 -6.46 -23.59
N THR E 111 26.06 -6.29 -22.42
CA THR E 111 25.56 -6.88 -21.19
C THR E 111 24.41 -6.07 -20.59
N THR E 112 23.55 -6.77 -19.86
CA THR E 112 22.35 -6.21 -19.26
C THR E 112 22.64 -4.97 -18.40
N LEU E 113 23.59 -5.07 -17.49
CA LEU E 113 23.90 -3.96 -16.57
C LEU E 113 24.55 -2.76 -17.24
N ARG E 114 25.32 -3.00 -18.30
CA ARG E 114 25.93 -1.92 -19.06
C ARG E 114 24.86 -1.09 -19.78
N SER E 115 23.91 -1.78 -20.42
CA SER E 115 22.81 -1.12 -21.14
C SER E 115 21.94 -0.28 -20.20
N LEU E 116 21.67 -0.81 -19.01
CA LEU E 116 20.91 -0.09 -17.99
C LEU E 116 21.66 1.14 -17.47
N LYS E 117 22.94 0.97 -17.11
CA LYS E 117 23.77 2.07 -16.66
C LYS E 117 23.89 3.18 -17.72
N ASP E 118 24.06 2.77 -18.98
CA ASP E 118 24.10 3.70 -20.11
C ASP E 118 22.80 4.50 -20.30
N ALA E 119 21.66 3.84 -20.08
CA ALA E 119 20.36 4.51 -20.11
C ALA E 119 20.23 5.59 -19.03
N LEU E 120 20.82 5.32 -17.87
CA LEU E 120 20.75 6.21 -16.71
C LEU E 120 21.84 7.29 -16.69
N PHE E 121 22.98 7.00 -17.30
CA PHE E 121 24.20 7.78 -17.08
C PHE E 121 25.12 7.83 -18.32
N LYS E 122 24.53 7.86 -19.51
CA LYS E 122 25.30 8.02 -20.76
C LYS E 122 24.47 8.62 -21.92
N TRP E 123 23.34 8.00 -22.24
CA TRP E 123 22.48 8.47 -23.33
C TRP E 123 21.66 9.69 -22.90
N GLU E 124 21.15 10.41 -23.90
CA GLU E 124 20.32 11.61 -23.69
C GLU E 124 19.04 11.27 -22.93
N SER E 125 18.77 12.06 -21.89
CA SER E 125 17.63 11.85 -21.01
C SER E 125 17.03 13.16 -20.50
N LYS E 126 15.76 13.10 -20.10
CA LYS E 126 15.05 14.24 -19.51
C LYS E 126 15.47 14.45 -18.05
N THR E 127 15.93 13.37 -17.41
CA THR E 127 16.32 13.37 -16.01
C THR E 127 17.75 12.84 -15.83
N VAL E 128 18.58 13.61 -15.13
CA VAL E 128 19.96 13.22 -14.81
C VAL E 128 20.13 12.85 -13.32
N LEU E 129 20.99 11.89 -13.06
CA LEU E 129 21.22 11.38 -11.70
C LEU E 129 22.17 12.29 -10.90
N ARG E 130 22.02 12.24 -9.58
CA ARG E 130 22.89 12.96 -8.67
C ARG E 130 24.30 12.36 -8.60
N ASN E 131 24.40 11.04 -8.74
CA ASN E 131 25.68 10.31 -8.74
C ASN E 131 25.74 9.23 -9.81
N GLU E 132 26.95 8.76 -10.13
CA GLU E 132 27.15 7.58 -10.97
C GLU E 132 26.47 6.37 -10.34
N PRO E 133 25.72 5.57 -11.13
CA PRO E 133 25.13 4.34 -10.61
C PRO E 133 26.21 3.38 -10.09
N LEU E 134 25.93 2.72 -8.97
CA LEU E 134 26.89 1.80 -8.37
C LEU E 134 26.44 0.35 -8.53
N VAL E 135 27.33 -0.48 -9.06
CA VAL E 135 27.03 -1.91 -9.24
C VAL E 135 27.36 -2.67 -7.95
N LEU E 136 26.40 -3.47 -7.49
CA LEU E 136 26.57 -4.30 -6.30
C LEU E 136 27.52 -5.47 -6.57
N GLU E 137 28.63 -5.49 -5.85
CA GLU E 137 29.67 -6.50 -6.01
C GLU E 137 29.16 -7.89 -5.61
N GLY E 138 29.19 -8.81 -6.56
CA GLY E 138 28.73 -10.18 -6.37
C GLY E 138 27.26 -10.40 -6.69
N GLY E 139 26.56 -9.30 -7.00
CA GLY E 139 25.17 -9.34 -7.39
C GLY E 139 24.24 -9.91 -6.32
N TYR E 140 23.13 -10.47 -6.79
CA TYR E 140 22.13 -11.01 -5.88
C TYR E 140 22.53 -12.33 -5.22
N GLU E 141 23.22 -13.21 -5.97
CA GLU E 141 23.74 -14.46 -5.45
C GLU E 141 24.50 -14.24 -4.14
N ASN E 142 25.36 -13.23 -4.14
CA ASN E 142 26.15 -12.85 -2.97
C ASN E 142 25.31 -12.21 -1.86
N TRP E 143 24.33 -11.38 -2.25
CA TRP E 143 23.40 -10.78 -1.31
C TRP E 143 22.64 -11.80 -0.46
N LEU E 144 22.16 -12.86 -1.10
CA LEU E 144 21.42 -13.95 -0.46
C LEU E 144 22.22 -14.67 0.61
N LEU E 145 23.53 -14.75 0.41
CA LEU E 145 24.45 -15.32 1.39
C LEU E 145 24.54 -14.39 2.60
N CYS E 146 24.80 -13.12 2.34
CA CYS E 146 25.15 -12.15 3.38
C CYS E 146 23.96 -11.66 4.19
N TYR E 147 22.90 -11.21 3.51
CA TYR E 147 21.72 -10.66 4.20
C TYR E 147 20.39 -11.19 3.66
N PRO E 148 20.14 -12.50 3.79
CA PRO E 148 18.88 -13.08 3.30
C PRO E 148 17.65 -12.56 4.04
N GLN E 149 17.86 -12.06 5.25
CA GLN E 149 16.79 -11.45 6.05
C GLN E 149 16.24 -10.17 5.43
N TYR E 150 17.08 -9.48 4.65
CA TYR E 150 16.65 -8.28 3.93
C TYR E 150 16.19 -8.61 2.50
N THR E 151 15.56 -9.77 2.36
CA THR E 151 14.91 -10.17 1.12
C THR E 151 13.43 -10.47 1.44
N THR E 152 12.70 -11.01 0.47
CA THR E 152 11.27 -11.29 0.65
C THR E 152 10.98 -12.68 1.28
N ASN E 153 11.74 -13.03 2.34
CA ASN E 153 11.77 -14.35 3.00
C ASN E 153 12.78 -14.33 4.18
N ALA E 154 12.75 -15.18 5.21
CA ALA E 154 11.84 -16.29 5.56
C ALA E 154 11.93 -16.61 7.06
N LYS E 155 11.07 -17.53 7.52
CA LYS E 155 11.08 -18.09 8.89
C LYS E 155 10.70 -17.08 9.98
N TYR F 13 -26.06 -2.92 -31.78
CA TYR F 13 -26.08 -2.84 -30.29
C TYR F 13 -26.27 -4.20 -29.63
N ASN F 14 -27.19 -5.00 -30.19
CA ASN F 14 -27.41 -6.37 -29.73
C ASN F 14 -26.16 -7.24 -29.86
N GLU F 15 -25.41 -7.04 -30.93
CA GLU F 15 -24.11 -7.69 -31.14
C GLU F 15 -23.12 -7.35 -30.03
N ILE F 16 -23.11 -6.07 -29.62
CA ILE F 16 -22.23 -5.60 -28.54
C ILE F 16 -22.64 -6.19 -27.19
N LEU F 17 -23.92 -6.08 -26.85
CA LEU F 17 -24.45 -6.60 -25.59
C LEU F 17 -24.25 -8.11 -25.47
N GLU F 18 -24.50 -8.82 -26.57
CA GLU F 18 -24.27 -10.27 -26.67
C GLU F 18 -22.79 -10.62 -26.45
N TRP F 19 -21.89 -9.82 -27.02
CA TRP F 19 -20.45 -10.05 -26.86
C TRP F 19 -19.98 -9.76 -25.44
N VAL F 20 -20.49 -8.67 -24.86
CA VAL F 20 -20.14 -8.28 -23.50
C VAL F 20 -20.60 -9.34 -22.50
N ASN F 21 -21.80 -9.85 -22.69
CA ASN F 21 -22.35 -10.91 -21.84
C ASN F 21 -21.64 -12.25 -21.95
N SER F 22 -20.90 -12.45 -23.05
CA SER F 22 -20.17 -13.69 -23.28
C SER F 22 -18.89 -13.75 -22.45
N LEU F 23 -18.40 -12.59 -22.04
CA LEU F 23 -17.14 -12.46 -21.32
C LEU F 23 -17.30 -12.72 -19.82
N GLN F 24 -16.20 -13.10 -19.17
CA GLN F 24 -16.20 -13.40 -17.75
C GLN F 24 -15.94 -12.14 -16.90
N PRO F 25 -16.76 -11.93 -15.84
CA PRO F 25 -16.47 -10.87 -14.88
C PRO F 25 -15.04 -10.95 -14.34
N ALA F 26 -14.38 -9.81 -14.26
CA ALA F 26 -12.97 -9.76 -13.88
C ALA F 26 -12.73 -9.03 -12.56
N ARG F 27 -11.67 -9.46 -11.87
CA ARG F 27 -11.20 -8.81 -10.65
C ARG F 27 -9.74 -8.42 -10.83
N VAL F 28 -9.47 -7.12 -10.73
CA VAL F 28 -8.12 -6.58 -10.76
C VAL F 28 -7.60 -6.55 -9.32
N THR F 29 -6.56 -7.34 -9.03
CA THR F 29 -5.98 -7.40 -7.69
C THR F 29 -4.72 -6.55 -7.51
N ARG F 30 -4.10 -6.14 -8.62
CA ARG F 30 -2.90 -5.31 -8.54
C ARG F 30 -2.99 -4.09 -9.46
N TRP F 31 -3.66 -3.04 -8.99
CA TRP F 31 -3.83 -1.80 -9.75
C TRP F 31 -2.50 -1.10 -10.09
N GLY F 32 -1.52 -1.22 -9.19
CA GLY F 32 -0.16 -0.74 -9.43
C GLY F 32 0.57 -1.41 -10.59
N GLY F 33 0.08 -2.56 -11.03
CA GLY F 33 0.64 -3.27 -12.18
C GLY F 33 0.10 -2.85 -13.54
N MET F 34 -0.71 -1.79 -13.57
CA MET F 34 -1.29 -1.27 -14.81
C MET F 34 -0.20 -0.79 -15.76
N ILE F 35 -0.39 -1.12 -17.04
CA ILE F 35 0.51 -0.73 -18.11
C ILE F 35 -0.25 0.32 -18.91
N SER F 36 0.07 1.58 -18.63
CA SER F 36 -0.70 2.71 -19.12
C SER F 36 -0.29 3.16 -20.52
N THR F 37 0.95 2.86 -20.89
CA THR F 37 1.48 3.26 -22.20
C THR F 37 1.93 2.03 -22.99
N PRO F 38 0.98 1.15 -23.38
CA PRO F 38 1.41 -0.01 -24.15
C PRO F 38 1.90 0.40 -25.53
N ASP F 39 2.92 -0.28 -26.04
CA ASP F 39 3.42 0.04 -27.38
C ASP F 39 2.58 -0.68 -28.46
N ALA F 40 2.85 -0.38 -29.73
CA ALA F 40 2.08 -0.92 -30.84
C ALA F 40 2.04 -2.45 -30.84
N VAL F 41 3.18 -3.07 -30.52
CA VAL F 41 3.28 -4.53 -30.42
C VAL F 41 2.33 -5.13 -29.37
N LEU F 42 2.28 -4.53 -28.17
CA LEU F 42 1.39 -5.02 -27.11
C LEU F 42 -0.09 -4.78 -27.45
N GLN F 43 -0.40 -3.65 -28.07
CA GLN F 43 -1.76 -3.38 -28.54
C GLN F 43 -2.22 -4.43 -29.57
N ALA F 44 -1.30 -4.85 -30.44
CA ALA F 44 -1.57 -5.91 -31.41
C ALA F 44 -1.90 -7.23 -30.71
N VAL F 45 -1.10 -7.58 -29.70
CA VAL F 45 -1.29 -8.79 -28.90
C VAL F 45 -2.69 -8.82 -28.28
N ILE F 46 -3.08 -7.72 -27.64
CA ILE F 46 -4.40 -7.59 -27.01
C ILE F 46 -5.53 -7.52 -28.03
N LYS F 47 -5.34 -6.75 -29.10
CA LYS F 47 -6.30 -6.72 -30.20
C LYS F 47 -6.63 -8.11 -30.74
N ARG F 48 -5.60 -8.94 -30.90
CA ARG F 48 -5.78 -10.30 -31.39
C ARG F 48 -6.74 -11.11 -30.51
N SER F 49 -6.60 -10.98 -29.20
CA SER F 49 -7.49 -11.64 -28.24
C SER F 49 -8.93 -11.15 -28.34
N LEU F 50 -9.11 -9.84 -28.48
CA LEU F 50 -10.45 -9.26 -28.64
C LEU F 50 -11.13 -9.76 -29.91
N VAL F 51 -10.42 -9.69 -31.03
CA VAL F 51 -10.92 -10.16 -32.32
C VAL F 51 -11.29 -11.65 -32.25
N GLU F 52 -10.42 -12.47 -31.68
CA GLU F 52 -10.67 -13.90 -31.50
C GLU F 52 -11.87 -14.19 -30.60
N SER F 53 -12.13 -13.30 -29.63
CA SER F 53 -13.30 -13.43 -28.76
C SER F 53 -14.60 -12.97 -29.44
N GLY F 54 -14.50 -12.48 -30.68
CA GLY F 54 -15.65 -12.04 -31.46
C GLY F 54 -16.15 -10.63 -31.16
N CYS F 55 -15.26 -9.78 -30.65
CA CYS F 55 -15.55 -8.37 -30.41
C CYS F 55 -16.08 -7.73 -31.70
N PRO F 56 -17.23 -7.03 -31.63
CA PRO F 56 -17.84 -6.45 -32.82
C PRO F 56 -16.87 -5.50 -33.54
N ALA F 57 -16.88 -5.58 -34.88
CA ALA F 57 -15.99 -4.79 -35.72
C ALA F 57 -16.14 -3.28 -35.51
N SER F 58 -17.34 -2.86 -35.14
CA SER F 58 -17.68 -1.44 -34.98
C SER F 58 -17.06 -0.77 -33.75
N ILE F 59 -16.54 -1.56 -32.81
CA ILE F 59 -15.99 -1.00 -31.57
C ILE F 59 -14.57 -1.44 -31.22
N VAL F 60 -14.10 -2.55 -31.80
CA VAL F 60 -12.81 -3.14 -31.40
C VAL F 60 -11.62 -2.16 -31.54
N ASN F 61 -11.59 -1.39 -32.62
CA ASN F 61 -10.55 -0.39 -32.83
C ASN F 61 -10.58 0.71 -31.77
N GLU F 62 -11.79 1.13 -31.42
CA GLU F 62 -12.02 2.13 -30.38
C GLU F 62 -11.58 1.61 -29.01
N LEU F 63 -11.84 0.33 -28.74
CA LEU F 63 -11.41 -0.29 -27.48
C LEU F 63 -9.90 -0.38 -27.37
N ILE F 64 -9.25 -0.71 -28.48
CA ILE F 64 -7.80 -0.84 -28.54
C ILE F 64 -7.10 0.53 -28.47
N GLU F 65 -7.69 1.54 -29.10
CA GLU F 65 -7.19 2.91 -28.95
C GLU F 65 -7.35 3.38 -27.50
N ASN F 66 -8.43 2.94 -26.86
CA ASN F 66 -8.68 3.26 -25.45
C ASN F 66 -7.99 2.31 -24.48
N ALA F 67 -6.86 1.75 -24.91
CA ALA F 67 -6.02 0.91 -24.05
C ALA F 67 -4.79 1.67 -23.58
N HIS F 68 -4.65 2.90 -24.07
CA HIS F 68 -3.51 3.75 -23.81
C HIS F 68 -4.04 5.00 -23.10
N GLU F 69 -3.28 5.48 -22.11
CA GLU F 69 -3.63 6.66 -21.32
C GLU F 69 -3.87 7.94 -22.14
N ARG F 70 -3.30 7.98 -23.35
CA ARG F 70 -3.52 9.07 -24.29
C ARG F 70 -4.98 9.19 -24.74
N SER F 71 -5.74 8.11 -24.55
CA SER F 71 -7.15 8.04 -24.92
C SER F 71 -8.04 7.64 -23.75
N TRP F 72 -7.50 7.73 -22.53
CA TRP F 72 -8.30 7.45 -21.34
C TRP F 72 -8.99 8.72 -20.86
N PRO F 73 -10.16 8.58 -20.23
CA PRO F 73 -10.83 9.74 -19.65
C PRO F 73 -10.00 10.32 -18.50
N GLN F 74 -10.38 11.51 -18.04
CA GLN F 74 -9.54 12.31 -17.14
C GLN F 74 -9.32 11.66 -15.76
N GLY F 75 -10.30 10.87 -15.32
CA GLY F 75 -10.20 10.12 -14.07
C GLY F 75 -9.17 9.00 -14.09
N LEU F 76 -8.52 8.83 -15.25
CA LEU F 76 -7.52 7.78 -15.50
C LEU F 76 -6.30 8.25 -16.29
N ALA F 77 -6.31 9.51 -16.73
CA ALA F 77 -5.39 9.97 -17.80
C ALA F 77 -3.90 10.02 -17.48
N THR F 78 -3.55 10.35 -16.23
CA THR F 78 -2.16 10.49 -15.82
C THR F 78 -1.83 9.56 -14.66
N LEU F 79 -0.54 9.25 -14.53
CA LEU F 79 -0.02 8.41 -13.46
C LEU F 79 -0.39 8.93 -12.08
N GLU F 80 -0.18 10.23 -11.85
CA GLU F 80 -0.54 10.92 -10.62
C GLU F 80 -2.03 10.74 -10.30
N THR F 81 -2.88 10.93 -11.30
CA THR F 81 -4.33 10.79 -11.13
C THR F 81 -4.71 9.35 -10.75
N ARG F 82 -4.08 8.38 -11.40
CA ARG F 82 -4.36 6.97 -11.16
C ARG F 82 -3.94 6.56 -9.77
N GLN F 83 -2.80 7.08 -9.31
CA GLN F 83 -2.31 6.84 -7.95
C GLN F 83 -3.31 7.33 -6.91
N MET F 84 -3.84 8.54 -7.09
CA MET F 84 -4.79 9.08 -6.11
C MET F 84 -6.23 8.59 -6.26
N ASN F 85 -6.60 8.08 -7.44
CA ASN F 85 -7.96 7.59 -7.69
C ASN F 85 -8.17 6.08 -7.52
N ARG F 86 -7.09 5.36 -7.22
CA ARG F 86 -7.05 3.89 -7.18
C ARG F 86 -8.23 3.20 -6.47
N ARG F 87 -8.61 3.71 -5.30
CA ARG F 87 -9.73 3.18 -4.51
C ARG F 87 -11.07 3.19 -5.24
N TYR F 88 -11.27 4.16 -6.13
CA TYR F 88 -12.51 4.27 -6.90
C TYR F 88 -12.57 3.27 -8.06
N TYR F 89 -11.41 2.75 -8.46
CA TYR F 89 -11.33 1.84 -9.61
C TYR F 89 -11.93 0.46 -9.31
N GLU F 90 -12.04 0.13 -8.02
CA GLU F 90 -12.69 -1.11 -7.56
C GLU F 90 -14.15 -1.21 -8.00
N ASN F 91 -14.78 -0.06 -8.24
CA ASN F 91 -16.19 0.00 -8.59
C ASN F 91 -16.50 -0.18 -10.07
N TYR F 92 -15.46 -0.15 -10.91
CA TYR F 92 -15.59 -0.49 -12.33
C TYR F 92 -16.20 -1.88 -12.47
N VAL F 93 -17.14 -2.02 -13.39
CA VAL F 93 -17.62 -3.34 -13.80
C VAL F 93 -16.74 -3.74 -14.97
N ALA F 94 -15.87 -4.72 -14.73
CA ALA F 94 -14.84 -5.10 -15.69
C ALA F 94 -15.01 -6.53 -16.20
N LYS F 95 -14.72 -6.72 -17.49
CA LYS F 95 -14.74 -8.04 -18.10
C LYS F 95 -13.35 -8.48 -18.51
N ARG F 96 -13.11 -9.78 -18.43
CA ARG F 96 -11.82 -10.37 -18.75
C ARG F 96 -11.67 -10.55 -20.26
N ILE F 97 -10.56 -10.06 -20.80
CA ILE F 97 -10.11 -10.35 -22.15
C ILE F 97 -9.43 -11.73 -22.10
N PRO F 98 -10.00 -12.73 -22.79
CA PRO F 98 -9.55 -14.13 -22.66
C PRO F 98 -8.05 -14.31 -22.94
N GLY F 99 -7.38 -15.08 -22.09
CA GLY F 99 -5.96 -15.38 -22.27
C GLY F 99 -4.99 -14.33 -21.76
N LYS F 100 -5.51 -13.16 -21.42
CA LYS F 100 -4.66 -11.99 -21.19
C LYS F 100 -4.85 -11.39 -19.80
N GLN F 101 -3.81 -10.66 -19.39
CA GLN F 101 -3.86 -9.92 -18.14
C GLN F 101 -4.34 -8.50 -18.44
N ALA F 102 -5.61 -8.42 -18.83
CA ALA F 102 -6.24 -7.21 -19.37
C ALA F 102 -7.75 -7.29 -19.19
N VAL F 103 -8.37 -6.12 -19.03
CA VAL F 103 -9.82 -6.04 -18.85
C VAL F 103 -10.45 -5.05 -19.83
N VAL F 104 -11.71 -5.26 -20.16
CA VAL F 104 -12.52 -4.22 -20.79
C VAL F 104 -13.48 -3.63 -19.76
N VAL F 105 -13.62 -2.32 -19.80
CA VAL F 105 -14.59 -1.59 -18.99
C VAL F 105 -15.56 -0.97 -19.98
N MET F 106 -16.75 -1.55 -20.08
CA MET F 106 -17.73 -1.12 -21.07
C MET F 106 -18.61 -0.01 -20.50
N ALA F 107 -18.86 1.01 -21.33
CA ALA F 107 -19.72 2.14 -20.94
C ALA F 107 -21.15 1.70 -20.58
N CYS F 108 -21.68 0.73 -21.31
CA CYS F 108 -23.03 0.19 -21.08
C CYS F 108 -23.21 -0.48 -19.71
N GLU F 109 -22.11 -0.94 -19.12
CA GLU F 109 -22.10 -1.58 -17.81
C GLU F 109 -21.61 -0.66 -16.69
N ASN F 110 -21.17 0.54 -17.04
CA ASN F 110 -20.56 1.47 -16.08
C ASN F 110 -21.16 2.87 -16.10
N GLN F 111 -22.48 2.94 -16.11
CA GLN F 111 -23.21 4.22 -16.09
C GLN F 111 -23.08 4.90 -14.72
N HIS F 112 -22.84 4.10 -13.69
CA HIS F 112 -22.65 4.56 -12.32
C HIS F 112 -21.33 5.31 -12.10
N MET F 113 -20.37 5.14 -13.01
CA MET F 113 -19.02 5.67 -12.85
C MET F 113 -18.87 7.14 -13.28
N GLY F 114 -19.43 7.49 -14.42
CA GLY F 114 -19.39 8.87 -14.92
C GLY F 114 -18.54 9.08 -16.16
N ASP F 115 -18.76 10.20 -16.84
CA ASP F 115 -18.06 10.52 -18.08
C ASP F 115 -16.56 10.80 -17.87
N ASP F 116 -16.22 11.19 -16.64
CA ASP F 116 -14.83 11.38 -16.22
C ASP F 116 -14.09 10.05 -16.04
N MET F 117 -14.83 8.96 -15.85
CA MET F 117 -14.27 7.65 -15.53
C MET F 117 -14.39 6.63 -16.67
N VAL F 118 -15.33 6.85 -17.58
CA VAL F 118 -15.48 5.99 -18.77
C VAL F 118 -16.21 6.75 -19.88
N GLN F 119 -15.86 6.46 -21.13
CA GLN F 119 -16.63 6.95 -22.27
C GLN F 119 -16.90 5.86 -23.33
N GLU F 120 -17.82 6.16 -24.23
CA GLU F 120 -18.31 5.23 -25.24
C GLU F 120 -17.21 4.85 -26.24
N PRO F 121 -17.12 3.57 -26.63
CA PRO F 121 -17.92 2.43 -26.20
C PRO F 121 -17.44 1.80 -24.88
N GLY F 122 -16.21 2.11 -24.52
CA GLY F 122 -15.60 1.54 -23.33
C GLY F 122 -14.10 1.73 -23.35
N LEU F 123 -13.43 0.97 -22.50
CA LEU F 123 -12.03 1.20 -22.16
C LEU F 123 -11.32 -0.12 -21.92
N VAL F 124 -10.02 -0.15 -22.20
CA VAL F 124 -9.18 -1.33 -21.92
C VAL F 124 -8.04 -0.94 -20.99
N MET F 125 -7.82 -1.78 -19.98
CA MET F 125 -6.65 -1.64 -19.11
C MET F 125 -5.87 -2.93 -19.12
N ILE F 126 -4.57 -2.82 -19.42
CA ILE F 126 -3.64 -3.93 -19.45
C ILE F 126 -2.85 -3.91 -18.15
N PHE F 127 -2.50 -5.08 -17.64
CA PHE F 127 -1.76 -5.21 -16.38
C PHE F 127 -0.62 -6.20 -16.54
N ALA F 128 0.43 -6.00 -15.75
CA ALA F 128 1.56 -6.93 -15.72
C ALA F 128 1.12 -8.29 -15.15
N HIS F 129 0.20 -8.25 -14.19
CA HIS F 129 -0.22 -9.41 -13.41
C HIS F 129 -1.46 -9.11 -12.56
N GLY F 130 -2.06 -10.16 -12.01
CA GLY F 130 -3.07 -10.03 -10.95
C GLY F 130 -4.51 -9.99 -11.42
N VAL F 131 -4.73 -10.20 -12.71
CA VAL F 131 -6.08 -10.22 -13.25
C VAL F 131 -6.69 -11.63 -13.05
N GLU F 132 -7.85 -11.65 -12.40
CA GLU F 132 -8.54 -12.87 -12.04
C GLU F 132 -10.00 -12.80 -12.51
N GLU F 133 -10.69 -13.92 -12.46
CA GLU F 133 -12.15 -13.92 -12.60
C GLU F 133 -12.77 -13.78 -11.21
N ILE F 134 -13.94 -13.13 -11.14
CA ILE F 134 -14.74 -13.06 -9.92
C ILE F 134 -15.07 -14.47 -9.39
#